data_3VHX
#
_entry.id   3VHX
#
_cell.length_a   45.743
_cell.length_b   174.573
_cell.length_c   76.814
_cell.angle_alpha   90.000
_cell.angle_beta   98.740
_cell.angle_gamma   90.000
#
_symmetry.space_group_name_H-M   'P 1 21 1'
#
loop_
_entity.id
_entity.type
_entity.pdbx_description
1 polymer 'ADP-ribosylation factor 6'
2 polymer 'Kinesin-like protein KIF23'
3 non-polymer "GUANOSINE-5'-TRIPHOSPHATE"
4 non-polymer 'MAGNESIUM ION'
5 non-polymer GLYCEROL
6 water water
#
loop_
_entity_poly.entity_id
_entity_poly.type
_entity_poly.pdbx_seq_one_letter_code
_entity_poly.pdbx_strand_id
1 'polypeptide(L)'
;MEMRILMLGLDAAGKTTILYKLKLGQSVTTIPTVGFNVETVTYKNVKFNVWDVGGLDKIRPLWRHYYTGTQGLIFVVDCA
DRDRIDEARQELHRIINDREMRDAIILIFANKQDLPDAMKPHEIQEKLGLTRIRDRNWYVQPSCATSGDGLYEGLTWLTS
NYKSLEHHHHHH
;
A,C,E,G
2 'polypeptide(L)'
;GSLLFQPDQNAPPIRLRHRRSRSAGDRWVDHKPASNMQTETVMQPHVPHAITVSVANEKALAKCEKYMLTHQELASDGEI
ETKLIKGDIYKTRGGGQSVQFTDIETLKQESPNGSRKRRS
;
B,D,F,H
#
loop_
_chem_comp.id
_chem_comp.type
_chem_comp.name
_chem_comp.formula
GOL non-polymer GLYCEROL 'C3 H8 O3'
GTP non-polymer GUANOSINE-5'-TRIPHOSPHATE 'C10 H16 N5 O14 P3'
MG non-polymer 'MAGNESIUM ION' 'Mg 2'
#
# COMPACT_ATOMS: atom_id res chain seq x y z
N MET A 1 18.46 -6.18 -26.96
CA MET A 1 17.61 -7.30 -27.47
C MET A 1 16.16 -6.85 -27.76
N GLU A 2 15.32 -7.84 -28.05
CA GLU A 2 13.92 -7.62 -28.33
C GLU A 2 13.07 -8.57 -27.51
N MET A 3 11.88 -8.13 -27.17
CA MET A 3 11.02 -8.96 -26.37
C MET A 3 9.58 -8.85 -26.81
N ARG A 4 8.94 -9.99 -26.93
CA ARG A 4 7.55 -10.04 -27.35
C ARG A 4 6.65 -10.24 -26.13
N ILE A 5 5.76 -9.28 -25.93
CA ILE A 5 4.90 -9.26 -24.75
C ILE A 5 3.43 -9.25 -25.13
N LEU A 6 2.66 -10.07 -24.42
CA LEU A 6 1.21 -10.06 -24.56
C LEU A 6 0.61 -9.40 -23.32
N MET A 7 -0.24 -8.40 -23.54
CA MET A 7 -0.91 -7.72 -22.44
C MET A 7 -2.41 -8.02 -22.38
N LEU A 8 -2.81 -8.73 -21.33
CA LEU A 8 -4.18 -9.19 -21.19
C LEU A 8 -4.74 -8.77 -19.84
N GLY A 9 -6.04 -8.95 -19.67
CA GLY A 9 -6.76 -8.55 -18.48
C GLY A 9 -8.20 -8.27 -18.84
N LEU A 10 -9.09 -8.27 -17.85
CA LEU A 10 -10.50 -7.98 -18.10
C LEU A 10 -10.64 -6.61 -18.74
N ASP A 11 -11.78 -6.39 -19.40
CA ASP A 11 -12.11 -5.08 -19.93
C ASP A 11 -12.02 -4.02 -18.83
N ALA A 12 -11.52 -2.84 -19.20
CA ALA A 12 -11.46 -1.67 -18.32
C ALA A 12 -10.41 -1.79 -17.20
N ALA A 13 -9.45 -2.69 -17.38
CA ALA A 13 -8.35 -2.84 -16.44
C ALA A 13 -7.33 -1.71 -16.57
N GLY A 14 -7.19 -1.19 -17.79
CA GLY A 14 -6.25 -0.09 -18.05
C GLY A 14 -5.12 -0.46 -19.00
N LYS A 15 -5.31 -1.53 -19.77
CA LYS A 15 -4.32 -2.01 -20.73
C LYS A 15 -3.96 -0.97 -21.80
N THR A 16 -4.97 -0.37 -22.44
CA THR A 16 -4.70 0.59 -23.50
C THR A 16 -4.11 1.88 -22.96
N THR A 17 -4.56 2.28 -21.76
CA THR A 17 -3.97 3.43 -21.09
C THR A 17 -2.48 3.17 -20.84
N ILE A 18 -2.14 1.97 -20.37
CA ILE A 18 -0.75 1.61 -20.11
C ILE A 18 0.07 1.67 -21.40
N LEU A 19 -0.41 0.98 -22.42
CA LEU A 19 0.31 0.89 -23.69
C LEU A 19 0.64 2.25 -24.29
N TYR A 20 -0.33 3.17 -24.27
CA TYR A 20 -0.15 4.48 -24.87
C TYR A 20 0.54 5.49 -23.96
N LYS A 21 0.45 5.28 -22.64
CA LYS A 21 1.23 6.10 -21.71
C LYS A 21 2.71 5.79 -21.86
N LEU A 22 3.02 4.50 -21.99
CA LEU A 22 4.39 4.03 -22.17
C LEU A 22 5.02 4.48 -23.50
N LYS A 23 4.21 4.62 -24.53
CA LYS A 23 4.72 4.79 -25.88
C LYS A 23 4.64 6.24 -26.35
N LEU A 24 3.68 6.99 -25.81
CA LEU A 24 3.47 8.38 -26.23
C LEU A 24 3.62 9.37 -25.09
N GLY A 25 3.86 8.87 -23.88
CA GLY A 25 3.98 9.69 -22.68
C GLY A 25 2.79 10.58 -22.47
N GLN A 26 1.61 10.12 -22.89
CA GLN A 26 0.39 10.91 -22.79
C GLN A 26 -0.74 10.09 -22.20
N SER A 27 -1.54 10.74 -21.35
CA SER A 27 -2.74 10.11 -20.81
C SER A 27 -3.89 10.41 -21.76
N VAL A 28 -4.14 9.46 -22.65
CA VAL A 28 -5.12 9.63 -23.72
C VAL A 28 -6.46 8.99 -23.37
N THR A 29 -7.52 9.51 -23.99
CA THR A 29 -8.86 8.97 -23.81
C THR A 29 -8.98 7.68 -24.62
N THR A 30 -9.42 6.62 -23.96
CA THR A 30 -9.50 5.32 -24.62
C THR A 30 -10.93 4.84 -24.87
N ILE A 31 -11.08 4.06 -25.94
CA ILE A 31 -12.33 3.39 -26.29
C ILE A 31 -12.16 1.91 -25.95
N PRO A 32 -13.22 1.25 -25.44
CA PRO A 32 -13.09 -0.19 -25.22
C PRO A 32 -12.56 -0.83 -26.47
N THR A 33 -11.56 -1.70 -26.32
CA THR A 33 -10.84 -2.25 -27.46
C THR A 33 -11.52 -3.50 -27.97
N VAL A 34 -12.15 -3.38 -29.14
CA VAL A 34 -12.74 -4.54 -29.81
C VAL A 34 -11.82 -4.92 -30.97
N GLY A 35 -10.79 -5.69 -30.64
CA GLY A 35 -9.65 -5.92 -31.51
C GLY A 35 -8.39 -5.91 -30.67
N PHE A 36 -7.29 -5.41 -31.22
CA PHE A 36 -6.04 -5.34 -30.46
C PHE A 36 -5.14 -4.23 -30.98
N ASN A 37 -4.18 -3.82 -30.15
CA ASN A 37 -3.20 -2.80 -30.50
C ASN A 37 -1.76 -3.31 -30.36
N VAL A 38 -0.86 -2.82 -31.21
CA VAL A 38 0.55 -3.22 -31.19
C VAL A 38 1.43 -1.98 -31.17
N GLU A 39 2.29 -1.87 -30.19
CA GLU A 39 3.31 -0.82 -30.20
C GLU A 39 4.65 -1.43 -29.85
N THR A 40 5.72 -0.79 -30.30
CA THR A 40 7.05 -1.18 -29.89
C THR A 40 7.62 -0.10 -28.98
N VAL A 41 7.90 -0.46 -27.73
CA VAL A 41 8.37 0.48 -26.72
C VAL A 41 9.81 0.18 -26.34
N THR A 42 10.68 1.18 -26.45
CA THR A 42 12.12 1.02 -26.15
C THR A 42 12.47 1.63 -24.80
N TYR A 43 12.95 0.80 -23.88
CA TYR A 43 13.35 1.25 -22.54
C TYR A 43 14.50 0.41 -21.98
N LYS A 44 15.52 1.09 -21.44
CA LYS A 44 16.75 0.44 -20.95
C LYS A 44 17.34 -0.49 -22.03
N ASN A 45 17.38 0.03 -23.26
CA ASN A 45 17.81 -0.74 -24.44
C ASN A 45 17.10 -2.07 -24.69
N VAL A 46 15.86 -2.18 -24.23
CA VAL A 46 15.02 -3.32 -24.58
C VAL A 46 13.90 -2.87 -25.49
N LYS A 47 13.70 -3.63 -26.57
CA LYS A 47 12.68 -3.36 -27.56
C LYS A 47 11.47 -4.22 -27.23
N PHE A 48 10.51 -3.64 -26.51
CA PHE A 48 9.32 -4.36 -26.08
C PHE A 48 8.24 -4.31 -27.13
N ASN A 49 7.93 -5.47 -27.70
CA ASN A 49 6.85 -5.59 -28.68
C ASN A 49 5.59 -6.06 -27.98
N VAL A 50 4.72 -5.09 -27.67
CA VAL A 50 3.59 -5.26 -26.78
C VAL A 50 2.28 -5.40 -27.55
N TRP A 51 1.47 -6.39 -27.16
CA TRP A 51 0.19 -6.64 -27.81
C TRP A 51 -0.93 -6.49 -26.80
N ASP A 52 -1.71 -5.43 -26.97
CA ASP A 52 -2.84 -5.11 -26.11
C ASP A 52 -4.11 -5.65 -26.74
N VAL A 53 -4.59 -6.79 -26.24
CA VAL A 53 -5.77 -7.44 -26.80
C VAL A 53 -7.00 -7.14 -25.94
N GLY A 54 -8.07 -6.70 -26.61
CA GLY A 54 -9.32 -6.38 -25.93
C GLY A 54 -9.74 -7.42 -24.90
N GLY A 55 -10.43 -6.95 -23.86
CA GLY A 55 -10.79 -7.78 -22.73
C GLY A 55 -12.28 -8.03 -22.53
N LEU A 56 -13.11 -7.45 -23.39
CA LEU A 56 -14.53 -7.75 -23.39
C LEU A 56 -14.71 -9.27 -23.52
N ASP A 57 -15.66 -9.81 -22.74
CA ASP A 57 -15.85 -11.24 -22.59
C ASP A 57 -15.90 -12.07 -23.88
N LYS A 58 -16.48 -11.48 -24.93
CA LYS A 58 -16.60 -12.20 -26.21
C LYS A 58 -15.33 -12.16 -27.07
N ILE A 59 -14.29 -11.49 -26.57
CA ILE A 59 -12.99 -11.47 -27.22
C ILE A 59 -12.00 -12.43 -26.55
N ARG A 60 -12.29 -12.80 -25.31
CA ARG A 60 -11.36 -13.60 -24.52
C ARG A 60 -11.07 -14.99 -25.09
N PRO A 61 -12.09 -15.68 -25.63
CA PRO A 61 -11.83 -16.97 -26.26
C PRO A 61 -10.83 -16.89 -27.44
N LEU A 62 -10.49 -15.66 -27.83
CA LEU A 62 -9.58 -15.44 -28.95
C LEU A 62 -8.17 -15.09 -28.48
N TRP A 63 -8.03 -14.82 -27.18
CA TRP A 63 -6.73 -14.54 -26.58
C TRP A 63 -5.68 -15.58 -26.96
N ARG A 64 -6.08 -16.84 -27.04
CA ARG A 64 -5.15 -17.93 -27.29
C ARG A 64 -4.41 -17.85 -28.62
N HIS A 65 -4.98 -17.09 -29.55
CA HIS A 65 -4.39 -16.97 -30.87
C HIS A 65 -3.21 -16.00 -30.92
N TYR A 66 -2.93 -15.37 -29.78
CA TYR A 66 -1.79 -14.44 -29.66
C TYR A 66 -0.78 -14.94 -28.61
N TYR A 67 -1.02 -16.15 -28.10
CA TYR A 67 -0.11 -16.78 -27.16
C TYR A 67 1.27 -17.07 -27.76
N THR A 68 1.30 -17.65 -28.96
CA THR A 68 2.53 -18.21 -29.54
C THR A 68 3.63 -17.19 -29.75
N GLY A 69 4.77 -17.46 -29.11
CA GLY A 69 5.93 -16.58 -29.21
C GLY A 69 6.05 -15.52 -28.13
N THR A 70 5.07 -15.47 -27.22
CA THR A 70 5.08 -14.56 -26.08
C THR A 70 6.24 -14.91 -25.13
N GLN A 71 7.01 -13.91 -24.76
CA GLN A 71 8.10 -14.09 -23.81
C GLN A 71 7.70 -13.48 -22.46
N GLY A 72 6.94 -12.40 -22.53
CA GLY A 72 6.42 -11.74 -21.32
C GLY A 72 4.92 -11.57 -21.35
N LEU A 73 4.26 -12.05 -20.30
CA LEU A 73 2.84 -11.82 -20.11
C LEU A 73 2.63 -10.67 -19.14
N ILE A 74 1.95 -9.63 -19.59
CA ILE A 74 1.50 -8.57 -18.70
C ILE A 74 0.01 -8.73 -18.47
N PHE A 75 -0.36 -8.97 -17.22
CA PHE A 75 -1.78 -9.07 -16.86
C PHE A 75 -2.18 -7.87 -16.00
N VAL A 76 -3.17 -7.12 -16.47
CA VAL A 76 -3.52 -5.85 -15.85
C VAL A 76 -4.84 -5.96 -15.11
N VAL A 77 -4.87 -5.43 -13.88
CA VAL A 77 -6.00 -5.64 -12.99
C VAL A 77 -6.52 -4.33 -12.44
N ASP A 78 -7.83 -4.12 -12.52
CA ASP A 78 -8.46 -3.00 -11.86
C ASP A 78 -8.58 -3.34 -10.39
N CYS A 79 -7.76 -2.69 -9.57
CA CYS A 79 -7.70 -3.00 -8.13
C CYS A 79 -8.89 -2.47 -7.33
N ALA A 80 -9.65 -1.55 -7.92
CA ALA A 80 -10.87 -1.06 -7.27
C ALA A 80 -12.09 -1.93 -7.59
N ASP A 81 -11.93 -2.85 -8.55
CA ASP A 81 -13.01 -3.72 -9.01
C ASP A 81 -13.06 -5.02 -8.20
N ARG A 82 -13.66 -4.94 -7.01
CA ARG A 82 -13.72 -6.10 -6.12
C ARG A 82 -14.66 -7.19 -6.63
N ASP A 83 -15.74 -6.80 -7.31
CA ASP A 83 -16.72 -7.76 -7.83
C ASP A 83 -16.07 -8.78 -8.76
N ARG A 84 -15.19 -8.32 -9.65
CA ARG A 84 -14.70 -9.15 -10.73
C ARG A 84 -13.27 -9.68 -10.53
N ILE A 85 -12.76 -9.57 -9.31
CA ILE A 85 -11.39 -10.00 -9.02
C ILE A 85 -11.18 -11.51 -9.08
N ASP A 86 -12.19 -12.27 -8.66
CA ASP A 86 -12.14 -13.73 -8.75
C ASP A 86 -12.19 -14.17 -10.22
N GLU A 87 -13.07 -13.53 -11.00
CA GLU A 87 -13.14 -13.74 -12.44
C GLU A 87 -11.77 -13.49 -13.07
N ALA A 88 -11.09 -12.46 -12.59
CA ALA A 88 -9.78 -12.09 -13.11
C ALA A 88 -8.71 -13.15 -12.83
N ARG A 89 -8.78 -13.77 -11.65
CA ARG A 89 -7.89 -14.88 -11.33
C ARG A 89 -8.14 -16.06 -12.29
N GLN A 90 -9.41 -16.31 -12.59
CA GLN A 90 -9.79 -17.45 -13.43
C GLN A 90 -9.25 -17.30 -14.85
N GLU A 91 -9.29 -16.07 -15.37
CA GLU A 91 -8.73 -15.79 -16.68
C GLU A 91 -7.21 -15.96 -16.66
N LEU A 92 -6.56 -15.35 -15.68
CA LEU A 92 -5.09 -15.43 -15.54
C LEU A 92 -4.58 -16.87 -15.52
N HIS A 93 -5.22 -17.71 -14.73
CA HIS A 93 -4.81 -19.11 -14.64
C HIS A 93 -5.08 -19.87 -15.94
N ARG A 94 -6.16 -19.51 -16.64
CA ARG A 94 -6.46 -20.08 -17.95
C ARG A 94 -5.34 -19.77 -18.96
N ILE A 95 -4.81 -18.56 -18.87
CA ILE A 95 -3.70 -18.13 -19.73
C ILE A 95 -2.40 -18.89 -19.44
N ILE A 96 -1.97 -18.87 -18.17
CA ILE A 96 -0.64 -19.37 -17.81
C ILE A 96 -0.51 -20.90 -17.81
N ASN A 97 -1.64 -21.60 -17.92
CA ASN A 97 -1.65 -23.05 -18.02
C ASN A 97 -1.58 -23.60 -19.45
N ASP A 98 -1.81 -22.74 -20.45
CA ASP A 98 -1.74 -23.16 -21.85
C ASP A 98 -0.30 -23.49 -22.24
N ARG A 99 -0.13 -24.54 -23.05
CA ARG A 99 1.18 -25.01 -23.49
C ARG A 99 2.09 -23.92 -24.08
N GLU A 100 1.50 -22.98 -24.81
CA GLU A 100 2.25 -21.94 -25.51
C GLU A 100 2.74 -20.86 -24.56
N MET A 101 2.08 -20.76 -23.41
CA MET A 101 2.38 -19.75 -22.41
C MET A 101 3.02 -20.33 -21.17
N ARG A 102 3.87 -21.35 -21.34
CA ARG A 102 4.46 -22.04 -20.19
C ARG A 102 5.80 -21.45 -19.80
N ASP A 103 6.48 -20.83 -20.76
CA ASP A 103 7.80 -20.29 -20.54
C ASP A 103 7.78 -18.78 -20.30
N ALA A 104 6.67 -18.15 -20.66
CA ALA A 104 6.50 -16.71 -20.44
C ALA A 104 6.51 -16.37 -18.96
N ILE A 105 7.29 -15.36 -18.60
CA ILE A 105 7.26 -14.85 -17.23
C ILE A 105 6.06 -13.89 -17.09
N ILE A 106 5.60 -13.72 -15.86
CA ILE A 106 4.34 -13.06 -15.60
C ILE A 106 4.52 -11.77 -14.81
N LEU A 107 4.01 -10.68 -15.36
CA LEU A 107 3.95 -9.42 -14.65
C LEU A 107 2.50 -9.00 -14.43
N ILE A 108 2.14 -8.82 -13.17
CA ILE A 108 0.83 -8.31 -12.86
C ILE A 108 0.92 -6.81 -12.58
N PHE A 109 0.13 -6.04 -13.32
CA PHE A 109 -0.04 -4.64 -12.98
C PHE A 109 -1.26 -4.54 -12.08
N ALA A 110 -1.01 -4.30 -10.80
CA ALA A 110 -2.06 -3.95 -9.86
C ALA A 110 -2.40 -2.49 -10.09
N ASN A 111 -3.27 -2.24 -11.07
CA ASN A 111 -3.53 -0.91 -11.58
C ASN A 111 -4.64 -0.16 -10.84
N LYS A 112 -4.70 1.15 -11.06
CA LYS A 112 -5.67 2.05 -10.44
C LYS A 112 -5.47 2.17 -8.92
N GLN A 113 -4.20 2.25 -8.50
CA GLN A 113 -3.85 2.39 -7.09
C GLN A 113 -4.21 3.77 -6.54
N ASP A 114 -4.39 4.73 -7.45
CA ASP A 114 -4.84 6.07 -7.10
C ASP A 114 -6.28 6.08 -6.60
N LEU A 115 -7.06 5.07 -6.99
CA LEU A 115 -8.50 5.04 -6.68
C LEU A 115 -8.79 4.77 -5.21
N PRO A 116 -9.81 5.47 -4.67
CA PRO A 116 -10.30 5.24 -3.32
C PRO A 116 -10.45 3.75 -3.05
N ASP A 117 -9.93 3.32 -1.89
CA ASP A 117 -10.06 1.93 -1.42
C ASP A 117 -9.73 0.86 -2.47
N ALA A 118 -8.57 1.01 -3.10
CA ALA A 118 -8.09 -0.02 -4.03
C ALA A 118 -7.35 -1.09 -3.24
N MET A 119 -7.50 -2.34 -3.69
CA MET A 119 -6.78 -3.46 -3.11
C MET A 119 -5.27 -3.31 -3.33
N LYS A 120 -4.49 -3.64 -2.30
CA LYS A 120 -3.04 -3.47 -2.34
C LYS A 120 -2.34 -4.64 -3.03
N PRO A 121 -1.11 -4.42 -3.53
CA PRO A 121 -0.36 -5.42 -4.31
C PRO A 121 -0.35 -6.82 -3.69
N HIS A 122 -0.16 -6.92 -2.38
CA HIS A 122 -0.16 -8.21 -1.72
C HIS A 122 -1.53 -8.88 -1.73
N GLU A 123 -2.59 -8.11 -1.52
CA GLU A 123 -3.94 -8.64 -1.58
C GLU A 123 -4.26 -9.15 -2.99
N ILE A 124 -3.82 -8.41 -4.00
CA ILE A 124 -3.96 -8.84 -5.38
C ILE A 124 -3.25 -10.18 -5.57
N GLN A 125 -1.99 -10.25 -5.16
CA GLN A 125 -1.21 -11.48 -5.18
C GLN A 125 -2.01 -12.65 -4.60
N GLU A 126 -2.63 -12.40 -3.45
CA GLU A 126 -3.46 -13.41 -2.78
C GLU A 126 -4.65 -13.79 -3.64
N LYS A 127 -5.47 -12.80 -3.99
CA LYS A 127 -6.74 -13.03 -4.66
C LYS A 127 -6.59 -13.51 -6.11
N LEU A 128 -5.38 -13.36 -6.67
CA LEU A 128 -5.08 -13.91 -7.99
C LEU A 128 -4.43 -15.29 -7.89
N GLY A 129 -4.28 -15.79 -6.66
CA GLY A 129 -3.75 -17.13 -6.41
C GLY A 129 -2.34 -17.38 -6.91
N LEU A 130 -1.49 -16.34 -6.79
CA LEU A 130 -0.10 -16.41 -7.26
C LEU A 130 0.85 -16.92 -6.20
N THR A 131 0.51 -16.67 -4.93
CA THR A 131 1.37 -17.02 -3.79
C THR A 131 1.92 -18.44 -3.90
N ARG A 132 1.01 -19.38 -4.16
CA ARG A 132 1.35 -20.80 -4.25
C ARG A 132 2.33 -21.15 -5.39
N ILE A 133 2.14 -20.54 -6.56
CA ILE A 133 2.96 -20.79 -7.75
C ILE A 133 4.47 -20.58 -7.50
N ARG A 134 5.24 -21.67 -7.62
CA ARG A 134 6.69 -21.63 -7.43
C ARG A 134 7.50 -22.02 -8.68
N ASP A 135 6.83 -22.59 -9.67
CA ASP A 135 7.48 -23.03 -10.92
C ASP A 135 7.50 -21.95 -12.03
N ARG A 136 6.93 -20.79 -11.75
CA ARG A 136 6.85 -19.69 -12.72
C ARG A 136 7.42 -18.42 -12.13
N ASN A 137 8.04 -17.58 -12.97
CA ASN A 137 8.66 -16.33 -12.54
C ASN A 137 7.65 -15.18 -12.63
N TRP A 138 7.22 -14.67 -11.47
CA TRP A 138 6.17 -13.64 -11.43
C TRP A 138 6.40 -12.51 -10.44
N TYR A 139 5.63 -11.44 -10.58
CA TYR A 139 5.74 -10.25 -9.72
C TYR A 139 4.49 -9.39 -9.87
N VAL A 140 4.02 -8.85 -8.74
CA VAL A 140 2.90 -7.91 -8.73
C VAL A 140 3.45 -6.49 -8.57
N GLN A 141 3.16 -5.64 -9.55
CA GLN A 141 3.67 -4.26 -9.58
C GLN A 141 2.52 -3.27 -9.41
N PRO A 142 2.53 -2.52 -8.30
CA PRO A 142 1.53 -1.47 -8.11
C PRO A 142 1.66 -0.39 -9.18
N SER A 143 0.55 0.06 -9.71
CA SER A 143 0.62 1.10 -10.75
C SER A 143 -0.57 2.05 -10.75
N CYS A 144 -0.35 3.19 -11.40
CA CYS A 144 -1.41 4.10 -11.77
C CYS A 144 -1.13 4.49 -13.21
N ALA A 145 -1.89 3.93 -14.13
CA ALA A 145 -1.65 4.12 -15.57
C ALA A 145 -1.84 5.57 -16.05
N THR A 146 -2.63 6.35 -15.32
CA THR A 146 -2.93 7.71 -15.77
C THR A 146 -1.83 8.69 -15.38
N SER A 147 -1.12 8.40 -14.30
CA SER A 147 0.02 9.24 -13.89
C SER A 147 1.35 8.67 -14.39
N GLY A 148 1.37 7.36 -14.68
CA GLY A 148 2.58 6.68 -15.12
C GLY A 148 3.31 5.92 -14.02
N ASP A 149 2.85 6.09 -12.77
CA ASP A 149 3.45 5.43 -11.61
C ASP A 149 3.54 3.92 -11.79
N GLY A 150 4.69 3.34 -11.44
CA GLY A 150 4.88 1.89 -11.43
C GLY A 150 5.19 1.29 -12.77
N LEU A 151 4.73 1.95 -13.83
CA LEU A 151 4.84 1.43 -15.19
C LEU A 151 6.28 1.05 -15.56
N TYR A 152 7.19 2.02 -15.48
CA TYR A 152 8.59 1.76 -15.83
C TYR A 152 9.30 0.84 -14.83
N GLU A 153 8.77 0.77 -13.60
CA GLU A 153 9.28 -0.17 -12.61
C GLU A 153 8.93 -1.59 -13.05
N GLY A 154 7.76 -1.71 -13.67
CA GLY A 154 7.29 -2.97 -14.24
C GLY A 154 8.14 -3.41 -15.42
N LEU A 155 8.38 -2.49 -16.35
CA LEU A 155 9.27 -2.75 -17.48
C LEU A 155 10.68 -3.09 -17.03
N THR A 156 11.09 -2.56 -15.88
CA THR A 156 12.41 -2.87 -15.32
C THR A 156 12.47 -4.28 -14.78
N TRP A 157 11.40 -4.72 -14.10
CA TRP A 157 11.34 -6.09 -13.60
C TRP A 157 11.48 -7.08 -14.73
N LEU A 158 10.77 -6.83 -15.83
CA LEU A 158 10.90 -7.64 -17.02
C LEU A 158 12.38 -7.68 -17.47
N THR A 159 12.94 -6.52 -17.82
CA THR A 159 14.36 -6.42 -18.20
C THR A 159 15.26 -7.41 -17.41
N SER A 160 15.15 -7.36 -16.09
CA SER A 160 15.96 -8.17 -15.19
C SER A 160 15.68 -9.68 -15.30
N ASN A 161 14.43 -10.05 -15.61
CA ASN A 161 14.02 -11.46 -15.52
C ASN A 161 13.92 -12.25 -16.84
N TYR A 162 14.81 -11.97 -17.80
CA TYR A 162 14.78 -12.71 -19.07
C TYR A 162 16.14 -13.26 -19.50
N ASP B 8 -8.26 11.83 -20.80
CA ASP B 8 -8.48 13.06 -19.97
C ASP B 8 -7.60 14.24 -20.43
N GLN B 9 -7.86 14.69 -21.67
CA GLN B 9 -7.10 15.78 -22.29
C GLN B 9 -7.65 16.17 -23.68
N ASN B 10 -7.03 17.20 -24.27
CA ASN B 10 -7.29 17.61 -25.66
C ASN B 10 -6.19 17.07 -26.59
N ALA B 11 -5.62 15.92 -26.22
CA ALA B 11 -4.49 15.34 -26.93
C ALA B 11 -4.86 14.87 -28.34
N PRO B 12 -3.87 14.79 -29.25
CA PRO B 12 -4.14 14.33 -30.61
C PRO B 12 -4.66 12.90 -30.63
N PRO B 13 -5.57 12.59 -31.58
CA PRO B 13 -6.08 11.23 -31.77
C PRO B 13 -4.95 10.25 -32.08
N ILE B 14 -5.09 9.01 -31.62
CA ILE B 14 -4.05 8.00 -31.80
C ILE B 14 -3.97 7.57 -33.26
N ARG B 15 -5.14 7.54 -33.90
CA ARG B 15 -5.31 6.98 -35.24
C ARG B 15 -6.68 7.37 -35.78
N LEU B 16 -6.91 7.05 -37.05
CA LEU B 16 -8.26 7.17 -37.65
C LEU B 16 -9.20 6.11 -37.08
N ARG B 17 -10.49 6.43 -37.03
CA ARG B 17 -11.49 5.51 -36.46
C ARG B 17 -12.54 5.07 -37.49
N HIS B 18 -13.05 6.04 -38.25
CA HIS B 18 -14.13 5.82 -39.24
C HIS B 18 -13.91 4.57 -40.09
N ARG B 19 -12.91 4.61 -40.98
CA ARG B 19 -12.60 3.46 -41.86
C ARG B 19 -11.17 3.54 -42.41
N ARG B 20 -10.66 2.43 -42.94
CA ARG B 20 -9.28 2.41 -43.40
C ARG B 20 -9.13 1.86 -44.82
N SER B 21 -9.55 2.64 -45.80
CA SER B 21 -9.31 2.30 -47.20
C SER B 21 -8.78 3.52 -47.95
N ARG B 22 -7.56 3.92 -47.60
CA ARG B 22 -6.90 5.04 -48.26
C ARG B 22 -6.61 4.73 -49.73
N SER B 23 -6.21 3.50 -49.98
CA SER B 23 -5.80 3.07 -51.32
C SER B 23 -6.76 2.11 -52.02
N ALA B 24 -6.64 2.03 -53.35
CA ALA B 24 -7.41 1.08 -54.15
C ALA B 24 -6.93 -0.36 -53.93
N GLY B 25 -7.85 -1.31 -54.09
CA GLY B 25 -7.54 -2.72 -53.86
C GLY B 25 -7.63 -3.01 -52.38
N ASP B 26 -7.33 -4.22 -51.95
CA ASP B 26 -7.38 -4.49 -50.52
C ASP B 26 -6.54 -5.70 -50.12
N ARG B 27 -5.56 -5.46 -49.23
CA ARG B 27 -4.59 -6.45 -48.82
C ARG B 27 -4.88 -6.94 -47.40
N TRP B 28 -4.81 -8.26 -47.21
CA TRP B 28 -5.27 -8.89 -45.98
C TRP B 28 -4.15 -9.62 -45.24
N VAL B 29 -4.24 -9.61 -43.91
CA VAL B 29 -3.50 -10.56 -43.10
C VAL B 29 -4.44 -11.74 -42.86
N ASP B 30 -4.04 -12.91 -43.33
CA ASP B 30 -4.81 -14.12 -43.12
C ASP B 30 -4.19 -14.89 -41.96
N HIS B 31 -4.73 -14.66 -40.77
CA HIS B 31 -4.22 -15.26 -39.54
C HIS B 31 -4.90 -16.60 -39.31
N LYS B 32 -4.21 -17.65 -39.74
CA LYS B 32 -4.69 -19.01 -39.68
C LYS B 32 -3.82 -19.82 -38.72
N PRO B 33 -4.28 -19.99 -37.47
CA PRO B 33 -3.62 -20.79 -36.42
C PRO B 33 -3.24 -22.21 -36.85
N ALA B 34 -2.24 -22.79 -36.18
CA ALA B 34 -1.81 -24.15 -36.49
C ALA B 34 -2.94 -25.14 -36.20
N SER B 35 -3.65 -24.89 -35.10
CA SER B 35 -4.78 -25.71 -34.67
C SER B 35 -5.95 -25.73 -35.65
N ASN B 36 -6.09 -24.67 -36.45
CA ASN B 36 -7.10 -24.62 -37.51
C ASN B 36 -7.03 -25.83 -38.45
N MET B 37 -8.16 -26.49 -38.65
CA MET B 37 -8.24 -27.53 -39.68
C MET B 37 -9.31 -27.22 -40.72
N GLN B 38 -9.09 -27.71 -41.95
CA GLN B 38 -10.02 -27.45 -43.04
C GLN B 38 -11.31 -28.25 -42.87
N THR B 39 -12.44 -27.55 -42.85
CA THR B 39 -13.74 -28.20 -42.74
C THR B 39 -14.13 -28.84 -44.06
N GLU B 40 -14.88 -29.92 -44.01
CA GLU B 40 -15.38 -30.57 -45.22
C GLU B 40 -16.71 -29.92 -45.65
N THR B 41 -16.70 -28.60 -45.78
CA THR B 41 -17.91 -27.83 -46.09
C THR B 41 -17.88 -27.26 -47.51
N VAL B 42 -19.04 -26.85 -48.00
CA VAL B 42 -19.16 -26.18 -49.29
C VAL B 42 -18.66 -24.74 -49.18
N MET B 43 -19.09 -24.05 -48.12
CA MET B 43 -18.59 -22.73 -47.81
C MET B 43 -17.10 -22.82 -47.48
N GLN B 44 -16.29 -22.04 -48.18
CA GLN B 44 -14.86 -21.98 -47.94
C GLN B 44 -14.38 -20.54 -48.01
N PRO B 45 -13.39 -20.18 -47.17
CA PRO B 45 -12.88 -18.81 -47.17
C PRO B 45 -12.03 -18.50 -48.41
N HIS B 46 -12.27 -17.31 -48.95
CA HIS B 46 -11.72 -16.86 -50.22
C HIS B 46 -11.22 -15.44 -50.02
N VAL B 47 -9.97 -15.31 -49.58
CA VAL B 47 -9.38 -13.99 -49.30
C VAL B 47 -8.37 -13.58 -50.39
N PRO B 48 -8.52 -12.34 -50.93
CA PRO B 48 -7.64 -11.84 -51.98
C PRO B 48 -6.39 -11.13 -51.42
N HIS B 49 -5.29 -11.16 -52.19
CA HIS B 49 -4.01 -10.56 -51.77
C HIS B 49 -3.72 -10.81 -50.29
N ALA B 50 -3.90 -12.05 -49.85
CA ALA B 50 -3.68 -12.41 -48.45
C ALA B 50 -2.25 -12.85 -48.18
N ILE B 51 -1.66 -12.27 -47.13
CA ILE B 51 -0.46 -12.81 -46.52
C ILE B 51 -0.95 -13.81 -45.47
N THR B 52 -0.48 -15.05 -45.56
CA THR B 52 -0.94 -16.09 -44.64
C THR B 52 0.06 -16.27 -43.50
N VAL B 53 -0.45 -16.18 -42.28
CA VAL B 53 0.36 -16.36 -41.09
C VAL B 53 -0.31 -17.31 -40.10
N SER B 54 0.50 -18.07 -39.37
CA SER B 54 0.01 -18.92 -38.30
C SER B 54 0.10 -18.17 -36.96
N VAL B 55 0.92 -17.12 -36.94
CA VAL B 55 1.14 -16.29 -35.77
C VAL B 55 0.96 -14.82 -36.17
N ALA B 56 0.27 -14.05 -35.35
CA ALA B 56 0.10 -12.61 -35.63
C ALA B 56 1.47 -11.92 -35.57
N ASN B 57 1.64 -10.92 -36.42
CA ASN B 57 2.96 -10.40 -36.77
C ASN B 57 2.88 -8.95 -37.27
N GLU B 58 3.69 -8.06 -36.69
CA GLU B 58 3.55 -6.61 -36.93
C GLU B 58 3.91 -6.18 -38.35
N LYS B 59 4.97 -6.77 -38.89
CA LYS B 59 5.39 -6.50 -40.27
C LYS B 59 4.28 -6.85 -41.26
N ALA B 60 3.50 -7.89 -40.93
CA ALA B 60 2.37 -8.27 -41.75
C ALA B 60 1.27 -7.21 -41.73
N LEU B 61 0.93 -6.74 -40.53
CA LEU B 61 -0.10 -5.70 -40.37
C LEU B 61 0.34 -4.40 -41.04
N ALA B 62 1.66 -4.17 -41.06
CA ALA B 62 2.23 -2.96 -41.65
C ALA B 62 1.92 -2.87 -43.14
N LYS B 63 1.98 -4.00 -43.83
CA LYS B 63 1.77 -4.05 -45.28
C LYS B 63 0.29 -4.10 -45.70
N CYS B 64 -0.58 -4.40 -44.75
CA CYS B 64 -1.98 -4.71 -45.07
C CYS B 64 -3.01 -3.69 -44.57
N GLU B 65 -4.20 -3.73 -45.17
CA GLU B 65 -5.29 -2.80 -44.84
C GLU B 65 -6.41 -3.49 -44.06
N LYS B 66 -6.43 -4.82 -44.09
CA LYS B 66 -7.49 -5.63 -43.48
C LYS B 66 -6.91 -6.86 -42.76
N TYR B 67 -7.64 -7.33 -41.76
CA TYR B 67 -7.18 -8.45 -40.92
C TYR B 67 -8.31 -9.46 -40.71
N MET B 68 -7.96 -10.73 -40.84
CA MET B 68 -8.89 -11.82 -40.56
C MET B 68 -8.26 -12.85 -39.64
N LEU B 69 -9.01 -13.26 -38.62
CA LEU B 69 -8.61 -14.40 -37.79
C LEU B 69 -9.63 -15.55 -37.92
N THR B 70 -9.12 -16.75 -38.16
CA THR B 70 -9.96 -17.96 -38.22
C THR B 70 -9.93 -18.70 -36.90
N HIS B 71 -11.09 -18.80 -36.28
CA HIS B 71 -11.20 -19.42 -34.97
C HIS B 71 -12.23 -20.56 -35.01
N GLN B 72 -11.88 -21.68 -34.38
CA GLN B 72 -12.76 -22.85 -34.34
C GLN B 72 -13.01 -23.36 -32.93
N GLU B 73 -14.28 -23.73 -32.67
CA GLU B 73 -14.68 -24.36 -31.41
C GLU B 73 -15.55 -25.55 -31.74
N LEU B 74 -15.81 -26.38 -30.72
CA LEU B 74 -16.82 -27.44 -30.85
C LEU B 74 -18.15 -26.93 -30.31
N ALA B 75 -19.18 -27.01 -31.15
CA ALA B 75 -20.52 -26.51 -30.79
C ALA B 75 -21.28 -27.51 -29.93
N SER B 76 -22.43 -27.08 -29.40
CA SER B 76 -23.27 -27.91 -28.50
C SER B 76 -23.59 -29.29 -29.06
N ASP B 77 -23.83 -29.36 -30.37
CA ASP B 77 -24.17 -30.62 -31.04
C ASP B 77 -22.94 -31.47 -31.40
N GLY B 78 -21.77 -31.02 -30.94
CA GLY B 78 -20.50 -31.69 -31.19
C GLY B 78 -19.95 -31.44 -32.58
N GLU B 79 -20.53 -30.46 -33.28
CA GLU B 79 -20.13 -30.10 -34.64
C GLU B 79 -19.09 -28.99 -34.57
N ILE B 80 -18.18 -28.98 -35.54
CA ILE B 80 -17.22 -27.88 -35.68
C ILE B 80 -17.92 -26.59 -36.09
N GLU B 81 -17.61 -25.50 -35.38
CA GLU B 81 -18.13 -24.19 -35.74
C GLU B 81 -16.96 -23.27 -36.08
N THR B 82 -16.99 -22.69 -37.27
CA THR B 82 -15.91 -21.83 -37.74
C THR B 82 -16.33 -20.38 -37.71
N LYS B 83 -15.47 -19.53 -37.13
CA LYS B 83 -15.72 -18.10 -37.01
C LYS B 83 -14.61 -17.28 -37.66
N LEU B 84 -15.01 -16.39 -38.56
CA LEU B 84 -14.08 -15.52 -39.24
C LEU B 84 -14.20 -14.11 -38.68
N ILE B 85 -13.21 -13.72 -37.90
CA ILE B 85 -13.20 -12.41 -37.26
C ILE B 85 -12.43 -11.43 -38.15
N LYS B 86 -13.14 -10.44 -38.68
CA LYS B 86 -12.59 -9.52 -39.68
C LYS B 86 -12.48 -8.10 -39.13
N GLY B 87 -11.50 -7.33 -39.60
CA GLY B 87 -11.29 -5.97 -39.11
C GLY B 87 -10.34 -5.11 -39.92
N ASP B 88 -10.36 -3.80 -39.65
CA ASP B 88 -9.47 -2.86 -40.32
C ASP B 88 -8.16 -2.68 -39.55
N ILE B 89 -7.08 -2.48 -40.29
CA ILE B 89 -5.78 -2.21 -39.72
C ILE B 89 -5.46 -0.73 -39.90
N TYR B 90 -5.31 -0.02 -38.78
CA TYR B 90 -4.94 1.38 -38.80
C TYR B 90 -3.55 1.57 -38.24
N LYS B 91 -2.79 2.47 -38.85
CA LYS B 91 -1.48 2.87 -38.35
C LYS B 91 -1.63 3.92 -37.25
N THR B 92 -0.74 3.88 -36.25
CA THR B 92 -0.82 4.82 -35.12
C THR B 92 0.31 5.85 -35.12
N ARG B 93 0.09 6.94 -34.37
CA ARG B 93 1.11 7.99 -34.15
C ARG B 93 2.43 7.41 -33.63
N GLY B 94 2.33 6.39 -32.78
CA GLY B 94 3.50 5.69 -32.25
C GLY B 94 4.23 4.83 -33.27
N GLY B 95 3.69 4.75 -34.49
CA GLY B 95 4.29 3.95 -35.55
C GLY B 95 3.98 2.48 -35.39
N GLY B 96 2.99 2.18 -34.56
CA GLY B 96 2.50 0.81 -34.38
C GLY B 96 1.23 0.59 -35.18
N GLN B 97 0.51 -0.47 -34.84
CA GLN B 97 -0.72 -0.82 -35.55
C GLN B 97 -1.87 -1.02 -34.58
N SER B 98 -3.07 -0.79 -35.08
CA SER B 98 -4.28 -1.14 -34.35
C SER B 98 -5.23 -1.87 -35.30
N VAL B 99 -5.88 -2.90 -34.76
CA VAL B 99 -6.86 -3.69 -35.49
C VAL B 99 -8.23 -3.53 -34.82
N GLN B 100 -9.21 -3.07 -35.60
CA GLN B 100 -10.59 -2.95 -35.12
C GLN B 100 -11.50 -3.94 -35.84
N PHE B 101 -12.07 -4.85 -35.06
CA PHE B 101 -12.97 -5.87 -35.59
C PHE B 101 -14.26 -5.22 -36.10
N THR B 102 -14.60 -5.48 -37.35
CA THR B 102 -15.79 -4.88 -37.97
C THR B 102 -16.98 -5.82 -37.92
N ASP B 103 -16.81 -7.06 -38.39
CA ASP B 103 -17.84 -8.07 -38.28
C ASP B 103 -17.31 -9.50 -38.15
N ILE B 104 -18.21 -10.43 -37.87
CA ILE B 104 -17.88 -11.84 -37.67
C ILE B 104 -18.78 -12.76 -38.50
N GLU B 105 -18.18 -13.50 -39.41
CA GLU B 105 -18.88 -14.55 -40.13
C GLU B 105 -18.81 -15.84 -39.33
N THR B 106 -19.95 -16.50 -39.15
CA THR B 106 -20.01 -17.77 -38.44
C THR B 106 -20.54 -18.85 -39.38
N LEU B 107 -19.84 -19.99 -39.43
CA LEU B 107 -20.24 -21.12 -40.26
C LEU B 107 -20.45 -22.38 -39.43
N LYS B 108 -21.71 -22.81 -39.33
CA LYS B 108 -22.07 -23.98 -38.54
C LYS B 108 -22.83 -25.02 -39.38
N GLN B 109 -22.61 -26.29 -39.05
CA GLN B 109 -23.34 -27.39 -39.68
C GLN B 109 -24.40 -28.02 -38.76
N GLU B 110 -25.29 -28.80 -39.35
CA GLU B 110 -26.30 -29.56 -38.59
C GLU B 110 -27.10 -30.45 -39.53
N SER B 111 -27.55 -31.60 -39.01
CA SER B 111 -28.49 -32.42 -39.76
C SER B 111 -29.89 -31.78 -39.70
N PRO B 112 -30.67 -31.95 -40.77
CA PRO B 112 -32.02 -31.37 -40.83
C PRO B 112 -32.96 -32.04 -39.83
N ASN B 113 -32.47 -32.29 -38.62
CA ASN B 113 -33.29 -32.92 -37.58
C ASN B 113 -33.79 -31.92 -36.55
N MET C 1 -49.85 -33.07 -74.05
CA MET C 1 -49.06 -31.91 -73.54
C MET C 1 -48.27 -32.28 -72.28
N GLU C 2 -47.71 -31.27 -71.62
CA GLU C 2 -46.93 -31.45 -70.39
C GLU C 2 -47.37 -30.48 -69.33
N MET C 3 -47.49 -30.96 -68.11
CA MET C 3 -47.91 -30.12 -67.01
C MET C 3 -47.02 -30.30 -65.78
N ARG C 4 -46.60 -29.18 -65.20
CA ARG C 4 -45.77 -29.21 -64.01
C ARG C 4 -46.63 -29.00 -62.77
N ILE C 5 -46.51 -29.93 -61.85
CA ILE C 5 -47.35 -29.99 -60.70
C ILE C 5 -46.50 -29.91 -59.47
N LEU C 6 -46.92 -29.05 -58.54
CA LEU C 6 -46.27 -28.94 -57.26
C LEU C 6 -47.24 -29.49 -56.23
N MET C 7 -46.80 -30.45 -55.44
CA MET C 7 -47.68 -31.10 -54.48
C MET C 7 -47.24 -30.81 -53.05
N LEU C 8 -48.04 -30.02 -52.34
CA LEU C 8 -47.73 -29.66 -50.97
C LEU C 8 -48.89 -30.03 -50.04
N GLY C 9 -48.69 -29.81 -48.75
CA GLY C 9 -49.61 -30.24 -47.71
C GLY C 9 -48.77 -30.51 -46.48
N LEU C 10 -49.41 -30.54 -45.31
CA LEU C 10 -48.69 -30.80 -44.07
C LEU C 10 -48.08 -32.18 -44.10
N ASP C 11 -47.11 -32.43 -43.23
CA ASP C 11 -46.56 -33.77 -43.09
C ASP C 11 -47.67 -34.78 -42.81
N ALA C 12 -47.53 -35.96 -43.42
CA ALA C 12 -48.43 -37.10 -43.20
C ALA C 12 -49.81 -36.94 -43.83
N ALA C 13 -49.96 -35.95 -44.70
CA ALA C 13 -51.21 -35.76 -45.47
C ALA C 13 -51.37 -36.88 -46.49
N GLY C 14 -50.26 -37.37 -47.03
CA GLY C 14 -50.29 -38.54 -47.91
C GLY C 14 -49.76 -38.28 -49.31
N LYS C 15 -48.96 -37.23 -49.42
CA LYS C 15 -48.42 -36.78 -50.71
C LYS C 15 -47.53 -37.80 -51.39
N THR C 16 -46.61 -38.42 -50.65
CA THR C 16 -45.74 -39.41 -51.26
C THR C 16 -46.54 -40.65 -51.65
N THR C 17 -47.50 -41.06 -50.80
CA THR C 17 -48.34 -42.21 -51.12
C THR C 17 -49.00 -41.96 -52.47
N ILE C 18 -49.60 -40.78 -52.62
CA ILE C 18 -50.26 -40.41 -53.86
C ILE C 18 -49.30 -40.56 -55.05
N LEU C 19 -48.13 -39.96 -54.93
CA LEU C 19 -47.15 -39.92 -56.01
C LEU C 19 -46.80 -41.31 -56.51
N TYR C 20 -46.60 -42.24 -55.59
CA TYR C 20 -46.17 -43.58 -55.95
C TYR C 20 -47.33 -44.50 -56.27
N LYS C 21 -48.51 -44.21 -55.73
CA LYS C 21 -49.68 -44.94 -56.15
C LYS C 21 -49.94 -44.62 -57.62
N LEU C 22 -49.83 -43.34 -57.96
CA LEU C 22 -50.06 -42.88 -59.32
C LEU C 22 -49.02 -43.37 -60.31
N LYS C 23 -47.76 -43.43 -59.88
CA LYS C 23 -46.66 -43.79 -60.75
C LYS C 23 -46.39 -45.29 -60.80
N LEU C 24 -46.59 -45.97 -59.67
CA LEU C 24 -46.25 -47.38 -59.56
C LEU C 24 -47.47 -48.28 -59.41
N GLY C 25 -48.65 -47.70 -59.22
CA GLY C 25 -49.85 -48.47 -58.91
C GLY C 25 -49.57 -49.42 -57.77
N GLN C 26 -48.82 -48.93 -56.79
CA GLN C 26 -48.52 -49.71 -55.59
C GLN C 26 -48.65 -48.87 -54.33
N SER C 27 -49.27 -49.46 -53.32
CA SER C 27 -49.30 -48.86 -52.00
C SER C 27 -48.02 -49.28 -51.28
N VAL C 28 -47.06 -48.37 -51.28
CA VAL C 28 -45.77 -48.65 -50.69
C VAL C 28 -45.67 -48.02 -49.31
N THR C 29 -44.75 -48.56 -48.50
CA THR C 29 -44.38 -47.98 -47.22
C THR C 29 -43.61 -46.69 -47.46
N THR C 30 -44.04 -45.62 -46.82
CA THR C 30 -43.35 -44.34 -46.96
C THR C 30 -42.60 -43.95 -45.69
N ILE C 31 -41.58 -43.11 -45.86
CA ILE C 31 -40.89 -42.45 -44.75
C ILE C 31 -41.22 -40.95 -44.86
N PRO C 32 -41.31 -40.24 -43.71
CA PRO C 32 -41.52 -38.80 -43.83
C PRO C 32 -40.48 -38.20 -44.76
N THR C 33 -40.89 -37.30 -45.65
CA THR C 33 -39.97 -36.81 -46.65
C THR C 33 -39.15 -35.60 -46.19
N VAL C 34 -37.87 -35.86 -45.94
CA VAL C 34 -36.94 -34.79 -45.60
C VAL C 34 -36.16 -34.44 -46.87
N GLY C 35 -36.83 -33.67 -47.74
CA GLY C 35 -36.38 -33.41 -49.10
C GLY C 35 -37.59 -33.39 -50.00
N PHE C 36 -37.50 -34.01 -51.17
CA PHE C 36 -38.59 -34.02 -52.14
C PHE C 36 -38.42 -35.14 -53.15
N ASN C 37 -39.49 -35.49 -53.85
CA ASN C 37 -39.44 -36.49 -54.91
C ASN C 37 -39.98 -35.97 -56.23
N VAL C 38 -39.56 -36.58 -57.33
CA VAL C 38 -40.05 -36.22 -58.66
C VAL C 38 -40.39 -37.47 -59.43
N GLU C 39 -41.62 -37.54 -59.90
CA GLU C 39 -42.01 -38.57 -60.84
C GLU C 39 -42.79 -37.91 -61.96
N THR C 40 -42.62 -38.44 -63.17
CA THR C 40 -43.44 -38.03 -64.28
C THR C 40 -44.51 -39.09 -64.44
N VAL C 41 -45.77 -38.66 -64.37
CA VAL C 41 -46.91 -39.58 -64.51
C VAL C 41 -47.72 -39.23 -65.75
N THR C 42 -47.87 -40.21 -66.63
CA THR C 42 -48.64 -40.01 -67.87
C THR C 42 -50.05 -40.61 -67.75
N TYR C 43 -51.06 -39.75 -67.96
CA TYR C 43 -52.48 -40.16 -67.93
C TYR C 43 -53.32 -39.32 -68.90
N LYS C 44 -54.18 -40.00 -69.67
CA LYS C 44 -55.01 -39.37 -70.71
C LYS C 44 -54.17 -38.48 -71.63
N ASN C 45 -53.01 -39.01 -72.04
CA ASN C 45 -52.08 -38.30 -72.93
C ASN C 45 -51.52 -36.97 -72.37
N VAL C 46 -51.59 -36.80 -71.06
CA VAL C 46 -50.88 -35.71 -70.40
C VAL C 46 -49.69 -36.31 -69.65
N LYS C 47 -48.57 -35.61 -69.73
CA LYS C 47 -47.34 -35.98 -69.07
C LYS C 47 -47.26 -35.05 -67.83
N PHE C 48 -47.61 -35.58 -66.66
CA PHE C 48 -47.59 -34.79 -65.41
C PHE C 48 -46.25 -34.87 -64.72
N ASN C 49 -45.55 -33.74 -64.61
CA ASN C 49 -44.32 -33.68 -63.82
C ASN C 49 -44.65 -33.26 -62.39
N VAL C 50 -44.63 -34.23 -61.46
CA VAL C 50 -45.11 -34.00 -60.10
C VAL C 50 -43.95 -33.88 -59.11
N TRP C 51 -43.88 -32.76 -58.40
CA TRP C 51 -42.88 -32.55 -57.36
C TRP C 51 -43.52 -32.65 -55.99
N ASP C 52 -43.10 -33.65 -55.23
CA ASP C 52 -43.65 -33.90 -53.91
C ASP C 52 -42.62 -33.40 -52.90
N VAL C 53 -42.90 -32.26 -52.27
CA VAL C 53 -41.96 -31.69 -51.32
C VAL C 53 -42.44 -31.94 -49.89
N GLY C 54 -41.54 -32.47 -49.06
CA GLY C 54 -41.85 -32.84 -47.68
C GLY C 54 -42.56 -31.72 -46.95
N GLY C 55 -43.48 -32.10 -46.06
CA GLY C 55 -44.30 -31.15 -45.31
C GLY C 55 -43.92 -30.86 -43.86
N LEU C 56 -42.91 -31.55 -43.33
CA LEU C 56 -42.46 -31.31 -41.96
C LEU C 56 -42.12 -29.84 -41.81
N ASP C 57 -42.44 -29.27 -40.65
CA ASP C 57 -42.46 -27.82 -40.47
C ASP C 57 -41.15 -27.10 -40.79
N LYS C 58 -40.03 -27.79 -40.58
CA LYS C 58 -38.72 -27.20 -40.86
C LYS C 58 -38.36 -27.21 -42.36
N ILE C 59 -39.27 -27.72 -43.19
CA ILE C 59 -39.05 -27.77 -44.64
C ILE C 59 -39.93 -26.76 -45.38
N ARG C 60 -41.05 -26.39 -44.77
CA ARG C 60 -42.02 -25.49 -45.39
C ARG C 60 -41.43 -24.13 -45.82
N PRO C 61 -40.49 -23.57 -45.04
CA PRO C 61 -39.91 -22.32 -45.54
C PRO C 61 -39.22 -22.48 -46.90
N LEU C 62 -38.89 -23.71 -47.28
CA LEU C 62 -38.20 -23.98 -48.52
C LEU C 62 -39.14 -24.14 -49.71
N TRP C 63 -40.42 -24.39 -49.41
CA TRP C 63 -41.45 -24.60 -50.44
C TRP C 63 -41.36 -23.60 -51.57
N ARG C 64 -41.15 -22.33 -51.25
CA ARG C 64 -41.17 -21.27 -52.24
C ARG C 64 -40.15 -21.45 -53.35
N HIS C 65 -39.01 -22.08 -53.04
CA HIS C 65 -38.01 -22.35 -54.07
C HIS C 65 -38.44 -23.36 -55.13
N TYR C 66 -39.66 -23.88 -55.03
CA TYR C 66 -40.20 -24.84 -56.00
C TYR C 66 -41.47 -24.30 -56.66
N TYR C 67 -41.81 -23.05 -56.36
CA TYR C 67 -43.00 -22.43 -56.90
C TYR C 67 -42.89 -22.17 -58.40
N THR C 68 -41.73 -21.67 -58.82
CA THR C 68 -41.52 -21.16 -60.18
C THR C 68 -41.86 -22.14 -61.28
N GLY C 69 -42.72 -21.71 -62.20
CA GLY C 69 -43.11 -22.51 -63.36
C GLY C 69 -44.19 -23.53 -63.10
N THR C 70 -44.67 -23.60 -61.86
CA THR C 70 -45.74 -24.51 -61.48
C THR C 70 -47.01 -24.15 -62.21
N GLN C 71 -47.59 -25.13 -62.88
CA GLN C 71 -48.83 -24.93 -63.61
C GLN C 71 -50.04 -25.41 -62.81
N GLY C 72 -49.83 -26.43 -62.00
CA GLY C 72 -50.88 -26.96 -61.14
C GLY C 72 -50.38 -27.20 -59.73
N LEU C 73 -51.13 -26.69 -58.76
CA LEU C 73 -50.87 -26.98 -57.37
C LEU C 73 -51.79 -28.10 -56.88
N ILE C 74 -51.20 -29.15 -56.34
CA ILE C 74 -51.98 -30.16 -55.64
C ILE C 74 -51.74 -30.01 -54.13
N PHE C 75 -52.78 -29.67 -53.38
CA PHE C 75 -52.65 -29.56 -51.96
C PHE C 75 -53.39 -30.70 -51.27
N VAL C 76 -52.65 -31.48 -50.50
CA VAL C 76 -53.15 -32.72 -49.94
C VAL C 76 -53.45 -32.55 -48.46
N VAL C 77 -54.65 -32.97 -48.05
CA VAL C 77 -55.11 -32.78 -46.68
C VAL C 77 -55.47 -34.11 -46.02
N ASP C 78 -55.01 -34.31 -44.79
CA ASP C 78 -55.47 -35.44 -43.98
C ASP C 78 -56.81 -35.08 -43.37
N CYS C 79 -57.87 -35.73 -43.84
CA CYS C 79 -59.24 -35.38 -43.43
C CYS C 79 -59.66 -35.97 -42.09
N ALA C 80 -58.79 -36.79 -41.51
CA ALA C 80 -59.04 -37.33 -40.18
C ALA C 80 -58.38 -36.45 -39.12
N ASP C 81 -57.45 -35.60 -39.56
CA ASP C 81 -56.66 -34.79 -38.64
C ASP C 81 -57.29 -33.41 -38.45
N ARG C 82 -58.25 -33.34 -37.53
CA ARG C 82 -58.98 -32.09 -37.24
C ARG C 82 -58.13 -31.04 -36.53
N ASP C 83 -57.25 -31.48 -35.63
CA ASP C 83 -56.39 -30.57 -34.89
C ASP C 83 -55.64 -29.61 -35.83
N ARG C 84 -55.10 -30.15 -36.92
CA ARG C 84 -54.22 -29.40 -37.82
C ARG C 84 -54.86 -28.91 -39.10
N ILE C 85 -56.19 -28.92 -39.19
CA ILE C 85 -56.84 -28.50 -40.43
C ILE C 85 -56.73 -27.00 -40.65
N ASP C 86 -56.68 -26.25 -39.56
CA ASP C 86 -56.60 -24.81 -39.67
C ASP C 86 -55.20 -24.45 -40.08
N GLU C 87 -54.23 -25.17 -39.52
CA GLU C 87 -52.84 -25.04 -39.89
C GLU C 87 -52.69 -25.23 -41.39
N ALA C 88 -53.32 -26.27 -41.92
CA ALA C 88 -53.34 -26.50 -43.36
C ALA C 88 -53.89 -25.31 -44.12
N ARG C 89 -55.01 -24.75 -43.65
CA ARG C 89 -55.61 -23.57 -44.29
C ARG C 89 -54.58 -22.45 -44.40
N GLN C 90 -53.88 -22.19 -43.30
CA GLN C 90 -52.89 -21.13 -43.26
C GLN C 90 -51.81 -21.37 -44.31
N GLU C 91 -51.33 -22.61 -44.38
CA GLU C 91 -50.27 -22.95 -45.30
C GLU C 91 -50.75 -22.83 -46.72
N LEU C 92 -51.91 -23.37 -47.02
CA LEU C 92 -52.51 -23.28 -48.35
C LEU C 92 -52.59 -21.82 -48.83
N HIS C 93 -53.17 -20.97 -48.00
CA HIS C 93 -53.29 -19.57 -48.37
C HIS C 93 -51.93 -18.87 -48.51
N ARG C 94 -50.96 -19.27 -47.69
CA ARG C 94 -49.60 -18.75 -47.81
C ARG C 94 -49.00 -19.08 -49.18
N ILE C 95 -49.31 -20.28 -49.68
CA ILE C 95 -48.83 -20.72 -50.96
C ILE C 95 -49.50 -19.93 -52.08
N ILE C 96 -50.83 -20.03 -52.17
CA ILE C 96 -51.51 -19.50 -53.34
C ILE C 96 -51.42 -17.99 -53.51
N ASN C 97 -51.06 -17.28 -52.44
CA ASN C 97 -50.88 -15.83 -52.49
C ASN C 97 -49.53 -15.35 -53.04
N ASP C 98 -48.56 -16.26 -53.11
CA ASP C 98 -47.26 -15.91 -53.69
C ASP C 98 -47.42 -15.50 -55.15
N ARG C 99 -46.66 -14.47 -55.55
CA ARG C 99 -46.65 -13.97 -56.93
C ARG C 99 -46.37 -15.09 -57.94
N GLU C 100 -45.42 -15.97 -57.60
CA GLU C 100 -45.01 -17.06 -58.48
C GLU C 100 -46.13 -18.07 -58.71
N MET C 101 -47.05 -18.18 -57.74
CA MET C 101 -48.15 -19.16 -57.80
C MET C 101 -49.47 -18.52 -58.25
N ARG C 102 -49.36 -17.32 -58.82
CA ARG C 102 -50.52 -16.51 -59.20
C ARG C 102 -51.42 -17.16 -60.25
N ASP C 103 -50.82 -17.89 -61.19
CA ASP C 103 -51.57 -18.44 -62.33
C ASP C 103 -51.92 -19.92 -62.18
N ALA C 104 -51.41 -20.56 -61.13
CA ALA C 104 -51.62 -21.99 -60.91
C ALA C 104 -53.07 -22.33 -60.53
N ILE C 105 -53.67 -23.30 -61.20
CA ILE C 105 -54.96 -23.84 -60.78
C ILE C 105 -54.76 -24.73 -59.56
N ILE C 106 -55.78 -24.86 -58.71
CA ILE C 106 -55.62 -25.48 -57.40
C ILE C 106 -56.47 -26.74 -57.25
N LEU C 107 -55.81 -27.88 -57.00
CA LEU C 107 -56.51 -29.13 -56.74
C LEU C 107 -56.29 -29.58 -55.30
N ILE C 108 -57.37 -29.71 -54.56
CA ILE C 108 -57.28 -30.21 -53.20
C ILE C 108 -57.57 -31.70 -53.18
N PHE C 109 -56.67 -32.49 -52.60
CA PHE C 109 -56.98 -33.87 -52.30
C PHE C 109 -57.43 -33.93 -50.84
N ALA C 110 -58.74 -34.01 -50.64
CA ALA C 110 -59.30 -34.30 -49.34
C ALA C 110 -59.03 -35.77 -49.11
N ASN C 111 -57.82 -36.05 -48.64
CA ASN C 111 -57.32 -37.42 -48.55
C ASN C 111 -57.76 -38.15 -47.28
N LYS C 112 -57.53 -39.46 -47.26
CA LYS C 112 -57.84 -40.31 -46.11
C LYS C 112 -59.34 -40.38 -45.83
N GLN C 113 -60.13 -40.44 -46.89
CA GLN C 113 -61.59 -40.57 -46.78
C GLN C 113 -62.03 -41.91 -46.22
N ASP C 114 -61.16 -42.91 -46.31
CA ASP C 114 -61.41 -44.27 -45.79
C ASP C 114 -61.41 -44.31 -44.26
N LEU C 115 -60.65 -43.40 -43.64
CA LEU C 115 -60.51 -43.34 -42.18
C LEU C 115 -61.83 -42.96 -41.50
N PRO C 116 -62.14 -43.64 -40.39
CA PRO C 116 -63.38 -43.39 -39.65
C PRO C 116 -63.57 -41.90 -39.33
N ASP C 117 -64.77 -41.40 -39.55
CA ASP C 117 -65.17 -40.02 -39.20
C ASP C 117 -64.43 -38.93 -39.99
N ALA C 118 -63.95 -39.26 -41.19
CA ALA C 118 -63.20 -38.33 -42.00
C ALA C 118 -64.05 -37.15 -42.45
N MET C 119 -63.46 -35.96 -42.44
CA MET C 119 -64.12 -34.75 -42.91
C MET C 119 -64.42 -34.88 -44.40
N LYS C 120 -65.62 -34.47 -44.78
CA LYS C 120 -66.07 -34.62 -46.16
C LYS C 120 -65.53 -33.48 -47.03
N PRO C 121 -65.49 -33.68 -48.35
CA PRO C 121 -65.09 -32.64 -49.30
C PRO C 121 -65.70 -31.24 -49.03
N HIS C 122 -66.98 -31.16 -48.68
CA HIS C 122 -67.60 -29.86 -48.48
C HIS C 122 -67.16 -29.18 -47.18
N GLU C 123 -66.88 -29.98 -46.16
CA GLU C 123 -66.35 -29.47 -44.90
C GLU C 123 -64.93 -28.98 -45.11
N ILE C 124 -64.14 -29.74 -45.87
CA ILE C 124 -62.79 -29.32 -46.18
C ILE C 124 -62.82 -27.96 -46.88
N GLN C 125 -63.77 -27.81 -47.80
CA GLN C 125 -63.90 -26.59 -48.58
C GLN C 125 -64.11 -25.38 -47.69
N GLU C 126 -65.00 -25.50 -46.71
CA GLU C 126 -65.26 -24.41 -45.76
C GLU C 126 -64.03 -24.14 -44.88
N LYS C 127 -63.45 -25.20 -44.33
CA LYS C 127 -62.36 -25.06 -43.36
C LYS C 127 -61.00 -24.64 -43.94
N LEU C 128 -60.83 -24.77 -45.26
CA LEU C 128 -59.63 -24.27 -45.95
C LEU C 128 -59.85 -22.85 -46.51
N GLY C 129 -60.98 -22.25 -46.15
CA GLY C 129 -61.34 -20.91 -46.62
C GLY C 129 -61.43 -20.79 -48.13
N LEU C 130 -61.84 -21.86 -48.80
CA LEU C 130 -61.91 -21.88 -50.25
C LEU C 130 -63.16 -21.21 -50.82
N THR C 131 -64.26 -21.29 -50.07
CA THR C 131 -65.56 -20.82 -50.55
C THR C 131 -65.54 -19.36 -51.00
N ARG C 132 -64.74 -18.55 -50.31
CA ARG C 132 -64.66 -17.12 -50.58
C ARG C 132 -63.81 -16.79 -51.81
N ILE C 133 -62.84 -17.66 -52.11
CA ILE C 133 -61.95 -17.47 -53.26
C ILE C 133 -62.70 -17.75 -54.55
N ARG C 134 -62.65 -16.79 -55.47
CA ARG C 134 -63.37 -16.89 -56.73
C ARG C 134 -62.48 -16.53 -57.91
N ASP C 135 -61.41 -15.78 -57.64
CA ASP C 135 -60.48 -15.34 -58.68
C ASP C 135 -59.43 -16.41 -59.00
N ARG C 136 -59.58 -17.59 -58.39
CA ARG C 136 -58.71 -18.73 -58.63
C ARG C 136 -59.54 -19.96 -58.98
N ASN C 137 -58.98 -20.83 -59.81
CA ASN C 137 -59.65 -22.05 -60.23
C ASN C 137 -59.29 -23.21 -59.31
N TRP C 138 -60.23 -23.61 -58.47
CA TRP C 138 -59.98 -24.68 -57.50
C TRP C 138 -61.04 -25.78 -57.48
N TYR C 139 -60.69 -26.89 -56.84
CA TYR C 139 -61.54 -28.08 -56.81
C TYR C 139 -61.12 -28.99 -55.68
N VAL C 140 -62.10 -29.39 -54.87
CA VAL C 140 -61.87 -30.36 -53.79
C VAL C 140 -62.21 -31.77 -54.27
N GLN C 141 -61.20 -32.63 -54.29
CA GLN C 141 -61.34 -33.99 -54.76
C GLN C 141 -61.19 -34.97 -53.58
N PRO C 142 -62.27 -35.70 -53.27
CA PRO C 142 -62.16 -36.74 -52.25
C PRO C 142 -61.25 -37.85 -52.72
N SER C 143 -60.45 -38.41 -51.82
CA SER C 143 -59.51 -39.42 -52.24
C SER C 143 -59.07 -40.34 -51.11
N CYS C 144 -58.64 -41.54 -51.49
CA CYS C 144 -58.01 -42.46 -50.59
C CYS C 144 -56.75 -43.00 -51.27
N ALA C 145 -55.62 -42.40 -50.92
CA ALA C 145 -54.33 -42.69 -51.55
C ALA C 145 -53.89 -44.16 -51.53
N THR C 146 -54.28 -44.90 -50.51
CA THR C 146 -53.85 -46.29 -50.37
C THR C 146 -54.66 -47.20 -51.29
N SER C 147 -55.90 -46.81 -51.59
CA SER C 147 -56.73 -47.56 -52.54
C SER C 147 -56.65 -47.00 -53.96
N GLY C 148 -56.38 -45.71 -54.08
CA GLY C 148 -56.30 -45.04 -55.37
C GLY C 148 -57.56 -44.28 -55.75
N ASP C 149 -58.63 -44.49 -54.98
CA ASP C 149 -59.90 -43.78 -55.24
C ASP C 149 -59.69 -42.28 -55.36
N GLY C 150 -60.26 -41.68 -56.42
CA GLY C 150 -60.26 -40.24 -56.59
C GLY C 150 -59.00 -39.64 -57.20
N LEU C 151 -57.89 -40.38 -57.10
CA LEU C 151 -56.62 -39.89 -57.61
C LEU C 151 -56.71 -39.51 -59.09
N TYR C 152 -57.06 -40.46 -59.94
CA TYR C 152 -57.19 -40.20 -61.36
C TYR C 152 -58.33 -39.24 -61.67
N GLU C 153 -59.36 -39.21 -60.83
CA GLU C 153 -60.42 -38.21 -60.96
C GLU C 153 -59.80 -36.82 -60.79
N GLY C 154 -58.84 -36.72 -59.88
CA GLY C 154 -58.11 -35.49 -59.63
C GLY C 154 -57.27 -35.07 -60.83
N LEU C 155 -56.58 -36.02 -61.44
CA LEU C 155 -55.77 -35.71 -62.61
C LEU C 155 -56.64 -35.32 -63.80
N THR C 156 -57.83 -35.90 -63.88
CA THR C 156 -58.77 -35.55 -64.92
C THR C 156 -59.15 -34.08 -64.79
N TRP C 157 -59.36 -33.62 -63.55
CA TRP C 157 -59.79 -32.26 -63.32
C TRP C 157 -58.72 -31.26 -63.74
N LEU C 158 -57.46 -31.57 -63.45
CA LEU C 158 -56.35 -30.72 -63.85
C LEU C 158 -56.25 -30.65 -65.37
N THR C 159 -56.40 -31.80 -66.02
CA THR C 159 -56.41 -31.89 -67.49
C THR C 159 -57.46 -30.96 -68.11
N SER C 160 -58.70 -31.11 -67.65
CA SER C 160 -59.82 -30.33 -68.18
C SER C 160 -59.61 -28.82 -68.00
N ASN C 161 -59.04 -28.44 -66.86
CA ASN C 161 -59.00 -27.03 -66.45
C ASN C 161 -57.68 -26.32 -66.72
N TYR C 162 -56.88 -26.84 -67.65
CA TYR C 162 -55.63 -26.17 -67.99
C TYR C 162 -55.53 -25.92 -69.50
N ASP D 8 -47.72 -50.16 -46.58
CA ASP D 8 -48.35 -51.31 -45.84
C ASP D 8 -48.27 -52.64 -46.63
N GLN D 9 -47.04 -53.06 -46.95
CA GLN D 9 -46.84 -54.27 -47.76
C GLN D 9 -45.46 -54.95 -47.61
N ASN D 10 -45.34 -56.13 -48.22
CA ASN D 10 -44.05 -56.75 -48.53
C ASN D 10 -43.61 -56.26 -49.92
N ALA D 11 -43.92 -55.00 -50.23
CA ALA D 11 -43.62 -54.43 -51.54
C ALA D 11 -42.14 -54.11 -51.68
N PRO D 12 -41.64 -54.01 -52.92
CA PRO D 12 -40.24 -53.68 -53.10
C PRO D 12 -39.98 -52.23 -52.70
N PRO D 13 -38.80 -51.96 -52.10
CA PRO D 13 -38.40 -50.61 -51.77
C PRO D 13 -38.38 -49.71 -53.01
N ILE D 14 -38.50 -48.40 -52.78
CA ILE D 14 -38.62 -47.45 -53.89
C ILE D 14 -37.27 -47.06 -54.49
N ARG D 15 -36.25 -47.12 -53.64
CA ARG D 15 -34.92 -46.63 -53.97
C ARG D 15 -34.01 -47.03 -52.84
N LEU D 16 -32.71 -46.76 -53.00
CA LEU D 16 -31.75 -47.00 -51.92
C LEU D 16 -31.93 -45.96 -50.81
N ARG D 17 -31.48 -46.32 -49.62
CA ARG D 17 -31.66 -45.47 -48.44
C ARG D 17 -30.32 -45.03 -47.86
N HIS D 18 -29.38 -45.98 -47.78
CA HIS D 18 -28.10 -45.76 -47.12
C HIS D 18 -27.39 -44.49 -47.61
N ARG D 19 -26.81 -44.52 -48.80
CA ARG D 19 -26.22 -43.33 -49.39
C ARG D 19 -26.14 -43.45 -50.90
N ARG D 20 -25.82 -42.35 -51.54
CA ARG D 20 -25.49 -42.44 -52.94
C ARG D 20 -23.99 -42.32 -53.16
N SER D 21 -23.39 -43.48 -53.45
CA SER D 21 -22.08 -43.60 -54.05
C SER D 21 -22.07 -44.71 -55.11
N ARG D 22 -22.70 -44.50 -56.26
CA ARG D 22 -22.54 -45.39 -57.40
C ARG D 22 -21.12 -45.41 -57.96
N SER D 23 -20.51 -44.23 -57.97
CA SER D 23 -19.33 -43.90 -58.78
C SER D 23 -18.34 -42.99 -58.06
N ALA D 24 -17.09 -43.00 -58.54
CA ALA D 24 -16.04 -42.12 -58.02
C ALA D 24 -16.27 -40.65 -58.39
N GLY D 25 -15.88 -39.74 -57.52
CA GLY D 25 -16.06 -38.32 -57.76
C GLY D 25 -17.47 -37.94 -57.37
N ASP D 26 -17.87 -36.68 -57.58
CA ASP D 26 -19.25 -36.32 -57.29
C ASP D 26 -19.72 -35.11 -58.09
N ARG D 27 -20.88 -35.25 -58.74
CA ARG D 27 -21.48 -34.16 -59.52
C ARG D 27 -22.68 -33.58 -58.79
N TRP D 28 -22.79 -32.26 -58.81
CA TRP D 28 -23.74 -31.54 -57.97
C TRP D 28 -24.74 -30.75 -58.78
N VAL D 29 -26.01 -30.84 -58.39
CA VAL D 29 -26.96 -29.85 -58.87
C VAL D 29 -26.84 -28.66 -57.92
N ASP D 30 -26.47 -27.52 -58.47
CA ASP D 30 -26.40 -26.27 -57.71
C ASP D 30 -27.63 -25.43 -57.98
N HIS D 31 -28.62 -25.53 -57.10
CA HIS D 31 -29.92 -24.89 -57.28
C HIS D 31 -29.91 -23.53 -56.61
N LYS D 32 -29.75 -22.51 -57.43
CA LYS D 32 -29.56 -21.16 -56.95
C LYS D 32 -30.71 -20.26 -57.43
N PRO D 33 -31.74 -20.07 -56.57
CA PRO D 33 -32.94 -19.28 -56.87
C PRO D 33 -32.61 -17.88 -57.39
N ALA D 34 -33.50 -17.31 -58.20
CA ALA D 34 -33.32 -15.96 -58.72
C ALA D 34 -33.29 -14.91 -57.60
N SER D 35 -33.96 -15.22 -56.49
CA SER D 35 -34.00 -14.35 -55.30
C SER D 35 -32.67 -14.25 -54.54
N ASN D 36 -31.85 -15.28 -54.64
CA ASN D 36 -30.52 -15.29 -54.04
C ASN D 36 -29.65 -14.08 -54.49
N MET D 37 -29.03 -13.41 -53.51
CA MET D 37 -28.02 -12.39 -53.82
C MET D 37 -26.68 -12.77 -53.22
N GLN D 38 -25.60 -12.40 -53.89
CA GLN D 38 -24.28 -12.76 -53.39
C GLN D 38 -23.96 -11.88 -52.19
N THR D 39 -23.69 -12.52 -51.06
CA THR D 39 -23.32 -11.80 -49.85
C THR D 39 -21.91 -11.21 -50.00
N GLU D 40 -21.57 -10.22 -49.19
CA GLU D 40 -20.23 -9.66 -49.23
C GLU D 40 -19.36 -10.30 -48.16
N THR D 41 -19.31 -11.63 -48.20
CA THR D 41 -18.63 -12.43 -47.19
C THR D 41 -17.33 -13.04 -47.72
N VAL D 42 -16.47 -13.45 -46.80
CA VAL D 42 -15.27 -14.19 -47.14
C VAL D 42 -15.64 -15.64 -47.42
N MET D 43 -16.57 -16.18 -46.63
CA MET D 43 -17.11 -17.50 -46.88
C MET D 43 -17.94 -17.42 -48.14
N GLN D 44 -17.54 -18.20 -49.13
CA GLN D 44 -18.27 -18.32 -50.39
C GLN D 44 -18.39 -19.79 -50.72
N PRO D 45 -19.50 -20.19 -51.37
CA PRO D 45 -19.74 -21.60 -51.74
C PRO D 45 -18.85 -22.09 -52.88
N HIS D 46 -18.33 -23.31 -52.73
CA HIS D 46 -17.38 -23.86 -53.68
C HIS D 46 -17.80 -25.29 -54.05
N VAL D 47 -18.54 -25.41 -55.14
CA VAL D 47 -19.10 -26.69 -55.57
C VAL D 47 -18.48 -27.21 -56.87
N PRO D 48 -17.94 -28.45 -56.84
CA PRO D 48 -17.22 -29.02 -58.00
C PRO D 48 -18.14 -29.83 -58.93
N HIS D 49 -17.76 -29.90 -60.20
CA HIS D 49 -18.57 -30.57 -61.24
C HIS D 49 -20.06 -30.24 -61.13
N ALA D 50 -20.37 -28.96 -60.98
CA ALA D 50 -21.71 -28.50 -60.67
C ALA D 50 -22.49 -28.11 -61.91
N ILE D 51 -23.77 -28.49 -61.93
CA ILE D 51 -24.73 -27.95 -62.87
C ILE D 51 -25.51 -26.87 -62.12
N THR D 52 -25.40 -25.62 -62.55
CA THR D 52 -26.12 -24.53 -61.91
C THR D 52 -27.47 -24.32 -62.57
N VAL D 53 -28.51 -24.30 -61.73
CA VAL D 53 -29.89 -24.07 -62.16
C VAL D 53 -30.57 -23.04 -61.25
N SER D 54 -31.50 -22.27 -61.82
CA SER D 54 -32.32 -21.35 -61.05
C SER D 54 -33.65 -22.00 -60.64
N VAL D 55 -33.97 -23.12 -61.26
CA VAL D 55 -35.21 -23.83 -61.00
C VAL D 55 -34.92 -25.33 -60.89
N ALA D 56 -35.48 -26.00 -59.89
CA ALA D 56 -35.32 -27.45 -59.76
C ALA D 56 -35.74 -28.12 -61.06
N ASN D 57 -34.96 -29.12 -61.48
CA ASN D 57 -35.05 -29.73 -62.80
C ASN D 57 -34.69 -31.21 -62.74
N GLU D 58 -35.54 -32.07 -63.30
CA GLU D 58 -35.38 -33.54 -63.17
C GLU D 58 -34.20 -34.07 -63.96
N LYS D 59 -34.02 -33.54 -65.16
CA LYS D 59 -32.87 -33.88 -66.01
C LYS D 59 -31.57 -33.60 -65.26
N ALA D 60 -31.51 -32.46 -64.55
CA ALA D 60 -30.32 -32.12 -63.75
C ALA D 60 -30.08 -33.09 -62.61
N LEU D 61 -31.13 -33.49 -61.90
CA LEU D 61 -31.02 -34.48 -60.83
C LEU D 61 -30.65 -35.85 -61.40
N ALA D 62 -31.16 -36.14 -62.60
CA ALA D 62 -30.88 -37.42 -63.25
C ALA D 62 -29.38 -37.59 -63.50
N LYS D 63 -28.70 -36.48 -63.83
CA LYS D 63 -27.29 -36.50 -64.20
C LYS D 63 -26.38 -36.51 -62.97
N CYS D 64 -26.90 -36.08 -61.83
CA CYS D 64 -26.05 -35.81 -60.67
C CYS D 64 -26.22 -36.75 -59.48
N GLU D 65 -25.24 -36.69 -58.57
CA GLU D 65 -25.21 -37.52 -57.37
C GLU D 65 -25.65 -36.75 -56.11
N LYS D 66 -25.45 -35.44 -56.14
CA LYS D 66 -25.65 -34.58 -54.96
C LYS D 66 -26.46 -33.33 -55.30
N TYR D 67 -27.20 -32.83 -54.31
CA TYR D 67 -28.07 -31.67 -54.50
C TYR D 67 -27.87 -30.60 -53.44
N MET D 68 -27.78 -29.36 -53.90
CA MET D 68 -27.65 -28.23 -52.98
C MET D 68 -28.63 -27.12 -53.29
N LEU D 69 -29.30 -26.62 -52.26
CA LEU D 69 -30.18 -25.47 -52.40
C LEU D 69 -29.65 -24.31 -51.56
N THR D 70 -29.48 -23.16 -52.20
CA THR D 70 -29.06 -21.95 -51.50
C THR D 70 -30.29 -21.17 -51.08
N HIS D 71 -30.45 -21.02 -49.77
CA HIS D 71 -31.63 -20.40 -49.21
C HIS D 71 -31.20 -19.27 -48.29
N GLN D 72 -31.86 -18.12 -48.43
CA GLN D 72 -31.54 -16.93 -47.65
C GLN D 72 -32.76 -16.38 -46.94
N GLU D 73 -32.55 -15.95 -45.69
CA GLU D 73 -33.55 -15.24 -44.89
C GLU D 73 -32.90 -14.04 -44.23
N LEU D 74 -33.73 -13.10 -43.82
CA LEU D 74 -33.29 -11.99 -42.98
C LEU D 74 -33.43 -12.42 -41.52
N ALA D 75 -32.35 -12.31 -40.76
CA ALA D 75 -32.34 -12.70 -39.33
C ALA D 75 -32.61 -11.53 -38.37
N SER D 76 -32.83 -11.84 -37.09
CA SER D 76 -33.23 -10.88 -36.05
C SER D 76 -32.53 -9.52 -36.10
N ASP D 77 -31.21 -9.55 -36.28
CA ASP D 77 -30.37 -8.35 -36.28
C ASP D 77 -30.23 -7.68 -37.66
N GLY D 78 -31.25 -7.84 -38.50
CA GLY D 78 -31.27 -7.26 -39.84
C GLY D 78 -30.26 -7.84 -40.84
N GLU D 79 -29.54 -8.88 -40.43
CA GLU D 79 -28.48 -9.45 -41.27
C GLU D 79 -29.01 -10.63 -42.08
N ILE D 80 -28.53 -10.73 -43.33
CA ILE D 80 -28.82 -11.87 -44.19
C ILE D 80 -28.22 -13.14 -43.58
N GLU D 81 -29.03 -14.20 -43.56
CA GLU D 81 -28.57 -15.51 -43.13
C GLU D 81 -28.67 -16.51 -44.29
N THR D 82 -27.52 -17.05 -44.69
CA THR D 82 -27.49 -17.94 -45.83
C THR D 82 -27.41 -19.38 -45.34
N LYS D 83 -28.31 -20.23 -45.88
CA LYS D 83 -28.32 -21.66 -45.58
C LYS D 83 -28.12 -22.46 -46.86
N LEU D 84 -27.21 -23.43 -46.79
CA LEU D 84 -27.01 -24.35 -47.89
C LEU D 84 -27.58 -25.69 -47.48
N ILE D 85 -28.68 -26.08 -48.10
CA ILE D 85 -29.33 -27.34 -47.79
C ILE D 85 -28.80 -28.39 -48.75
N LYS D 86 -28.11 -29.39 -48.22
CA LYS D 86 -27.45 -30.40 -49.04
C LYS D 86 -28.08 -31.78 -48.87
N GLY D 87 -28.04 -32.59 -49.93
CA GLY D 87 -28.56 -33.96 -49.87
C GLY D 87 -28.17 -34.87 -51.03
N ASP D 88 -28.41 -36.18 -50.86
CA ASP D 88 -28.12 -37.17 -51.91
C ASP D 88 -29.30 -37.32 -52.90
N ILE D 89 -28.98 -37.54 -54.17
CA ILE D 89 -30.00 -37.85 -55.17
C ILE D 89 -30.06 -39.36 -55.40
N TYR D 90 -31.26 -39.93 -55.26
CA TYR D 90 -31.48 -41.34 -55.55
C TYR D 90 -32.42 -41.50 -56.75
N LYS D 91 -32.15 -42.48 -57.59
CA LYS D 91 -33.07 -42.87 -58.66
C LYS D 91 -34.09 -43.82 -58.07
N THR D 92 -35.29 -43.83 -58.63
CA THR D 92 -36.36 -44.67 -58.09
C THR D 92 -36.81 -45.75 -59.08
N ARG D 93 -37.45 -46.79 -58.57
CA ARG D 93 -38.01 -47.86 -59.43
C ARG D 93 -38.90 -47.28 -60.53
N GLY D 94 -39.53 -46.15 -60.23
CA GLY D 94 -40.42 -45.48 -61.18
C GLY D 94 -39.70 -44.72 -62.27
N GLY D 95 -38.37 -44.61 -62.15
CA GLY D 95 -37.58 -43.84 -63.10
C GLY D 95 -37.57 -42.35 -62.80
N GLY D 96 -38.02 -41.98 -61.60
CA GLY D 96 -37.91 -40.60 -61.15
C GLY D 96 -36.74 -40.41 -60.21
N GLN D 97 -36.79 -39.33 -59.45
CA GLN D 97 -35.70 -38.96 -58.57
C GLN D 97 -36.20 -38.62 -57.17
N SER D 98 -35.36 -38.90 -56.18
CA SER D 98 -35.62 -38.51 -54.81
C SER D 98 -34.39 -37.81 -54.27
N VAL D 99 -34.60 -36.73 -53.53
CA VAL D 99 -33.51 -36.08 -52.83
C VAL D 99 -33.76 -36.17 -51.34
N GLN D 100 -32.79 -36.72 -50.62
CA GLN D 100 -32.81 -36.72 -49.16
C GLN D 100 -31.79 -35.72 -48.61
N PHE D 101 -32.27 -34.80 -47.77
CA PHE D 101 -31.41 -33.78 -47.18
C PHE D 101 -30.54 -34.38 -46.07
N THR D 102 -29.23 -34.21 -46.20
CA THR D 102 -28.26 -34.83 -45.30
C THR D 102 -27.77 -33.87 -44.24
N ASP D 103 -27.42 -32.65 -44.63
CA ASP D 103 -27.07 -31.61 -43.66
C ASP D 103 -27.22 -30.19 -44.19
N ILE D 104 -27.12 -29.23 -43.27
CA ILE D 104 -27.36 -27.82 -43.57
C ILE D 104 -26.20 -26.96 -43.07
N GLU D 105 -25.59 -26.20 -43.99
CA GLU D 105 -24.58 -25.22 -43.65
C GLU D 105 -25.24 -23.87 -43.52
N THR D 106 -25.10 -23.25 -42.35
CA THR D 106 -25.62 -21.91 -42.08
C THR D 106 -24.46 -20.93 -42.00
N LEU D 107 -24.60 -19.79 -42.66
CA LEU D 107 -23.59 -18.73 -42.58
C LEU D 107 -24.23 -17.41 -42.17
N LYS D 108 -23.91 -16.98 -40.95
CA LYS D 108 -24.48 -15.74 -40.43
C LYS D 108 -23.39 -14.72 -40.16
N GLN D 109 -23.78 -13.45 -40.19
CA GLN D 109 -22.88 -12.35 -39.87
C GLN D 109 -23.36 -11.61 -38.62
N GLU D 110 -22.44 -10.98 -37.91
CA GLU D 110 -22.78 -10.19 -36.74
C GLU D 110 -21.61 -9.28 -36.35
N SER D 111 -21.93 -8.12 -35.78
CA SER D 111 -20.89 -7.24 -35.22
C SER D 111 -20.51 -7.73 -33.83
N PRO D 112 -19.27 -7.44 -33.42
CA PRO D 112 -18.79 -7.86 -32.10
C PRO D 112 -19.35 -6.97 -30.98
N ASN D 113 -20.65 -7.09 -30.74
CA ASN D 113 -21.29 -6.29 -29.70
C ASN D 113 -22.81 -6.23 -29.89
N MET E 1 -6.40 41.38 15.41
CA MET E 1 -6.08 40.06 16.04
C MET E 1 -4.80 40.09 16.87
N GLU E 2 -4.47 38.95 17.49
CA GLU E 2 -3.28 38.84 18.32
C GLU E 2 -2.34 37.79 17.77
N MET E 3 -1.05 38.07 17.86
CA MET E 3 -0.06 37.14 17.37
C MET E 3 1.06 36.99 18.38
N ARG E 4 1.45 35.75 18.63
CA ARG E 4 2.53 35.49 19.56
C ARG E 4 3.83 35.27 18.83
N ILE E 5 4.82 36.06 19.18
CA ILE E 5 6.08 36.05 18.50
C ILE E 5 7.20 35.60 19.42
N LEU E 6 8.02 34.68 18.94
CA LEU E 6 9.24 34.35 19.64
C LEU E 6 10.39 34.87 18.82
N MET E 7 11.23 35.69 19.44
CA MET E 7 12.37 36.30 18.76
C MET E 7 13.69 35.72 19.26
N LEU E 8 14.32 34.87 18.44
CA LEU E 8 15.56 34.26 18.83
C LEU E 8 16.68 34.69 17.90
N GLY E 9 17.91 34.31 18.24
CA GLY E 9 19.08 34.65 17.44
C GLY E 9 20.29 34.53 18.34
N LEU E 10 21.48 34.55 17.75
CA LEU E 10 22.69 34.50 18.54
C LEU E 10 22.78 35.77 19.38
N ASP E 11 23.58 35.73 20.43
CA ASP E 11 23.83 36.92 21.22
C ASP E 11 24.39 38.02 20.33
N ALA E 12 23.97 39.26 20.60
CA ALA E 12 24.41 40.47 19.89
C ALA E 12 23.89 40.62 18.44
N ALA E 13 22.96 39.77 18.04
CA ALA E 13 22.29 39.88 16.74
C ALA E 13 21.48 41.18 16.62
N GLY E 14 21.00 41.69 17.76
CA GLY E 14 20.22 42.94 17.79
C GLY E 14 18.75 42.78 18.15
N LYS E 15 18.42 41.65 18.78
CA LYS E 15 17.03 41.32 19.13
C LYS E 15 16.37 42.38 20.03
N THR E 16 17.04 42.74 21.13
CA THR E 16 16.52 43.73 22.07
C THR E 16 16.37 45.12 21.43
N THR E 17 17.33 45.49 20.58
CA THR E 17 17.25 46.74 19.85
C THR E 17 15.99 46.74 19.00
N ILE E 18 15.75 45.64 18.29
CA ILE E 18 14.54 45.55 17.48
C ILE E 18 13.31 45.75 18.36
N LEU E 19 13.25 45.02 19.47
CA LEU E 19 12.10 45.04 20.35
C LEU E 19 11.76 46.44 20.84
N TYR E 20 12.76 47.17 21.32
CA TYR E 20 12.49 48.48 21.90
C TYR E 20 12.37 49.55 20.84
N LYS E 21 12.97 49.32 19.67
CA LYS E 21 12.77 50.21 18.54
C LYS E 21 11.33 50.14 18.07
N LEU E 22 10.81 48.92 17.91
CA LEU E 22 9.43 48.72 17.52
C LEU E 22 8.42 49.25 18.52
N LYS E 23 8.74 49.11 19.81
CA LYS E 23 7.79 49.41 20.88
C LYS E 23 7.87 50.87 21.35
N LEU E 24 9.07 51.42 21.36
CA LEU E 24 9.30 52.74 21.96
C LEU E 24 9.69 53.80 20.94
N GLY E 25 9.78 53.40 19.68
CA GLY E 25 10.32 54.27 18.64
C GLY E 25 11.64 54.90 19.03
N GLN E 26 12.46 54.18 19.80
CA GLN E 26 13.73 54.69 20.31
C GLN E 26 14.84 53.67 20.22
N SER E 27 16.03 54.12 19.81
CA SER E 27 17.22 53.28 19.85
C SER E 27 17.86 53.43 21.22
N VAL E 28 17.76 52.37 22.03
CA VAL E 28 18.28 52.39 23.39
C VAL E 28 19.64 51.69 23.49
N THR E 29 20.38 51.99 24.57
CA THR E 29 21.59 51.25 24.91
C THR E 29 21.18 49.93 25.54
N THR E 30 21.67 48.83 24.98
CA THR E 30 21.30 47.49 25.46
C THR E 30 22.41 46.81 26.24
N ILE E 31 22.01 46.02 27.22
CA ILE E 31 22.90 45.09 27.91
C ILE E 31 22.59 43.70 27.33
N PRO E 32 23.61 42.83 27.18
CA PRO E 32 23.31 41.45 26.76
C PRO E 32 22.25 40.83 27.66
N THR E 33 21.22 40.23 27.07
CA THR E 33 20.09 39.73 27.84
C THR E 33 20.32 38.36 28.47
N VAL E 34 20.49 38.38 29.78
CA VAL E 34 20.56 37.18 30.59
C VAL E 34 19.17 37.03 31.21
N GLY E 35 18.26 36.43 30.44
CA GLY E 35 16.83 36.40 30.73
C GLY E 35 16.07 36.62 29.45
N PHE E 36 14.96 37.36 29.52
CA PHE E 36 14.14 37.64 28.35
C PHE E 36 13.29 38.87 28.60
N ASN E 37 12.79 39.48 27.52
CA ASN E 37 11.88 40.64 27.60
C ASN E 37 10.61 40.40 26.80
N VAL E 38 9.52 41.00 27.25
CA VAL E 38 8.23 40.90 26.55
C VAL E 38 7.66 42.29 26.38
N GLU E 39 7.30 42.63 25.16
CA GLU E 39 6.48 43.81 24.90
C GLU E 39 5.37 43.43 23.94
N THR E 40 4.28 44.17 24.02
CA THR E 40 3.21 44.00 23.05
C THR E 40 3.25 45.20 22.12
N VAL E 41 3.46 44.93 20.83
CA VAL E 41 3.59 45.97 19.83
C VAL E 41 2.45 45.88 18.83
N THR E 42 1.66 46.95 18.74
CA THR E 42 0.51 47.01 17.83
C THR E 42 0.86 47.77 16.55
N TYR E 43 0.50 47.18 15.40
CA TYR E 43 0.77 47.72 14.07
C TYR E 43 -0.23 47.15 13.05
N LYS E 44 -0.86 48.02 12.27
CA LYS E 44 -1.89 47.64 11.29
C LYS E 44 -2.95 46.73 11.93
N ASN E 45 -3.46 47.15 13.08
CA ASN E 45 -4.52 46.44 13.79
C ASN E 45 -4.19 45.00 14.15
N VAL E 46 -2.90 44.71 14.31
CA VAL E 46 -2.46 43.43 14.86
C VAL E 46 -1.69 43.68 16.15
N LYS E 47 -2.04 42.92 17.17
CA LYS E 47 -1.41 43.00 18.47
C LYS E 47 -0.32 41.91 18.56
N PHE E 48 0.94 42.30 18.38
CA PHE E 48 2.08 41.37 18.44
C PHE E 48 2.64 41.20 19.83
N ASN E 49 2.55 39.99 20.38
CA ASN E 49 3.19 39.69 21.66
C ASN E 49 4.58 39.09 21.44
N VAL E 50 5.60 39.90 21.64
CA VAL E 50 6.96 39.55 21.26
C VAL E 50 7.78 39.14 22.47
N TRP E 51 8.36 37.93 22.41
CA TRP E 51 9.24 37.43 23.46
C TRP E 51 10.68 37.43 22.97
N ASP E 52 11.49 38.32 23.53
CA ASP E 52 12.91 38.43 23.16
C ASP E 52 13.72 37.68 24.19
N VAL E 53 14.24 36.52 23.82
CA VAL E 53 15.00 35.69 24.74
C VAL E 53 16.49 35.75 24.43
N GLY E 54 17.30 35.99 25.46
CA GLY E 54 18.74 36.11 25.32
C GLY E 54 19.40 35.00 24.50
N GLY E 55 20.45 35.35 23.78
CA GLY E 55 21.11 34.41 22.89
C GLY E 55 22.47 33.88 23.34
N LEU E 56 22.98 34.37 24.47
CA LEU E 56 24.22 33.82 25.04
C LEU E 56 24.09 32.29 25.12
N ASP E 57 25.14 31.60 24.69
CA ASP E 57 25.15 30.14 24.60
C ASP E 57 24.57 29.39 25.81
N LYS E 58 24.77 29.92 27.01
CA LYS E 58 24.24 29.25 28.20
C LYS E 58 22.75 29.49 28.43
N ILE E 59 22.11 30.19 27.50
CA ILE E 59 20.67 30.44 27.59
C ILE E 59 19.92 29.67 26.52
N ARG E 60 20.60 29.37 25.42
CA ARG E 60 20.00 28.66 24.29
C ARG E 60 19.34 27.32 24.62
N PRO E 61 19.90 26.53 25.56
CA PRO E 61 19.20 25.32 25.97
C PRO E 61 17.82 25.59 26.58
N LEU E 62 17.58 26.83 27.02
CA LEU E 62 16.32 27.17 27.66
C LEU E 62 15.25 27.65 26.68
N TRP E 63 15.68 28.05 25.49
CA TRP E 63 14.78 28.51 24.41
C TRP E 63 13.51 27.69 24.26
N ARG E 64 13.62 26.36 24.38
CA ARG E 64 12.49 25.46 24.15
C ARG E 64 11.34 25.72 25.09
N HIS E 65 11.63 26.34 26.23
CA HIS E 65 10.62 26.62 27.24
C HIS E 65 9.75 27.82 26.89
N TYR E 66 10.01 28.42 25.73
CA TYR E 66 9.22 29.54 25.23
C TYR E 66 8.65 29.23 23.84
N TYR E 67 8.86 28.01 23.37
CA TYR E 67 8.34 27.57 22.07
C TYR E 67 6.82 27.55 22.04
N THR E 68 6.21 26.92 23.05
CA THR E 68 4.77 26.63 23.09
C THR E 68 3.90 27.84 22.82
N GLY E 69 2.93 27.66 21.92
CA GLY E 69 1.97 28.70 21.56
C GLY E 69 2.45 29.72 20.55
N THR E 70 3.68 29.57 20.07
CA THR E 70 4.29 30.53 19.16
C THR E 70 3.69 30.45 17.77
N GLN E 71 3.23 31.59 17.26
CA GLN E 71 2.62 31.65 15.93
C GLN E 71 3.57 32.24 14.89
N GLY E 72 4.50 33.08 15.36
CA GLY E 72 5.49 33.69 14.49
C GLY E 72 6.89 33.62 15.07
N LEU E 73 7.80 33.05 14.31
CA LEU E 73 9.20 33.01 14.71
C LEU E 73 9.97 34.10 14.00
N ILE E 74 10.60 35.00 14.76
CA ILE E 74 11.51 35.97 14.21
C ILE E 74 12.90 35.51 14.59
N PHE E 75 13.73 35.21 13.59
CA PHE E 75 15.11 34.83 13.87
C PHE E 75 16.04 35.91 13.34
N VAL E 76 16.86 36.46 14.23
CA VAL E 76 17.63 37.67 13.97
C VAL E 76 19.11 37.36 13.82
N VAL E 77 19.70 37.88 12.74
CA VAL E 77 21.07 37.56 12.32
C VAL E 77 21.92 38.82 12.19
N ASP E 78 23.10 38.82 12.80
CA ASP E 78 24.09 39.87 12.56
C ASP E 78 24.82 39.53 11.26
N CYS E 79 24.58 40.34 10.23
CA CYS E 79 25.09 40.10 8.88
C CYS E 79 26.55 40.50 8.66
N ALA E 80 27.19 41.04 9.68
CA ALA E 80 28.60 41.39 9.61
C ALA E 80 29.42 40.32 10.33
N ASP E 81 28.75 39.50 11.11
CA ASP E 81 29.40 38.40 11.81
C ASP E 81 29.41 37.15 10.94
N ARG E 82 30.43 37.06 10.09
CA ARG E 82 30.60 35.93 9.19
C ARG E 82 31.10 34.70 9.92
N ASP E 83 31.82 34.91 11.02
CA ASP E 83 32.39 33.80 11.79
C ASP E 83 31.29 32.91 12.36
N ARG E 84 30.19 33.51 12.80
CA ARG E 84 29.15 32.76 13.50
C ARG E 84 27.87 32.53 12.69
N ILE E 85 27.93 32.69 11.37
CA ILE E 85 26.72 32.48 10.56
C ILE E 85 26.31 31.02 10.43
N ASP E 86 27.28 30.12 10.29
CA ASP E 86 26.99 28.69 10.23
C ASP E 86 26.41 28.18 11.56
N GLU E 87 26.85 28.81 12.65
CA GLU E 87 26.32 28.55 14.00
C GLU E 87 24.87 29.02 14.08
N ALA E 88 24.59 30.18 13.50
CA ALA E 88 23.23 30.70 13.44
C ALA E 88 22.32 29.74 12.66
N ARG E 89 22.84 29.17 11.57
CA ARG E 89 22.09 28.19 10.81
C ARG E 89 21.72 26.97 11.66
N GLN E 90 22.69 26.51 12.46
CA GLN E 90 22.51 25.34 13.31
C GLN E 90 21.40 25.60 14.33
N GLU E 91 21.50 26.72 15.03
CA GLU E 91 20.49 27.11 15.98
C GLU E 91 19.13 27.19 15.31
N LEU E 92 19.04 27.94 14.21
CA LEU E 92 17.78 28.14 13.49
C LEU E 92 17.08 26.82 13.16
N HIS E 93 17.82 25.86 12.64
CA HIS E 93 17.20 24.59 12.28
C HIS E 93 16.87 23.73 13.49
N ARG E 94 17.60 23.91 14.59
CA ARG E 94 17.28 23.20 15.84
C ARG E 94 15.90 23.65 16.34
N ILE E 95 15.63 24.94 16.19
CA ILE E 95 14.36 25.54 16.60
C ILE E 95 13.17 25.03 15.79
N ILE E 96 13.20 25.26 14.48
CA ILE E 96 12.05 25.02 13.63
C ILE E 96 11.71 23.54 13.45
N ASN E 97 12.64 22.68 13.86
CA ASN E 97 12.42 21.23 13.80
C ASN E 97 11.72 20.67 15.03
N ASP E 98 11.61 21.48 16.07
CA ASP E 98 10.94 21.08 17.30
C ASP E 98 9.43 20.92 17.06
N ARG E 99 8.85 19.83 17.57
CA ARG E 99 7.40 19.59 17.46
C ARG E 99 6.54 20.81 17.82
N GLU E 100 6.94 21.54 18.85
CA GLU E 100 6.20 22.72 19.30
C GLU E 100 6.20 23.87 18.30
N MET E 101 7.24 23.96 17.47
CA MET E 101 7.37 25.06 16.52
C MET E 101 6.92 24.68 15.11
N ARG E 102 6.31 23.51 14.98
CA ARG E 102 5.98 22.92 13.69
C ARG E 102 5.17 23.88 12.83
N ASP E 103 4.31 24.66 13.47
CA ASP E 103 3.29 25.46 12.77
C ASP E 103 3.65 26.94 12.58
N ALA E 104 4.66 27.41 13.31
CA ALA E 104 5.09 28.79 13.23
C ALA E 104 5.61 29.14 11.85
N ILE E 105 5.25 30.32 11.36
CA ILE E 105 5.85 30.86 10.14
C ILE E 105 7.17 31.54 10.50
N ILE E 106 8.09 31.64 9.56
CA ILE E 106 9.44 32.06 9.89
C ILE E 106 9.84 33.38 9.23
N LEU E 107 10.17 34.36 10.07
CA LEU E 107 10.75 35.61 9.58
C LEU E 107 12.21 35.73 10.00
N ILE E 108 13.08 35.93 9.02
CA ILE E 108 14.49 36.19 9.30
C ILE E 108 14.77 37.68 9.15
N PHE E 109 15.25 38.30 10.21
CA PHE E 109 15.79 39.67 10.08
C PHE E 109 17.27 39.59 9.79
N ALA E 110 17.62 39.87 8.53
CA ALA E 110 19.01 40.04 8.13
C ALA E 110 19.45 41.42 8.61
N ASN E 111 19.94 41.47 9.84
CA ASN E 111 20.12 42.74 10.56
C ASN E 111 21.52 43.32 10.41
N LYS E 112 21.66 44.58 10.83
CA LYS E 112 22.93 45.32 10.73
C LYS E 112 23.37 45.52 9.28
N GLN E 113 22.40 45.78 8.40
CA GLN E 113 22.65 46.06 6.98
C GLN E 113 23.44 47.35 6.76
N ASP E 114 23.41 48.24 7.75
CA ASP E 114 24.15 49.51 7.70
C ASP E 114 25.65 49.27 7.83
N LEU E 115 26.02 48.22 8.56
CA LEU E 115 27.42 47.90 8.80
C LEU E 115 28.17 47.66 7.49
N PRO E 116 29.45 48.09 7.43
CA PRO E 116 30.30 47.92 6.26
C PRO E 116 30.44 46.44 5.88
N ASP E 117 30.27 46.16 4.58
CA ASP E 117 30.45 44.81 4.02
C ASP E 117 29.54 43.76 4.65
N ALA E 118 28.29 44.15 4.92
CA ALA E 118 27.31 43.25 5.50
C ALA E 118 26.80 42.28 4.44
N MET E 119 26.64 41.02 4.83
CA MET E 119 26.03 40.00 3.96
C MET E 119 24.60 40.41 3.58
N LYS E 120 24.31 40.37 2.28
CA LYS E 120 22.98 40.74 1.78
C LYS E 120 21.98 39.64 2.05
N PRO E 121 20.67 39.98 2.09
CA PRO E 121 19.58 39.02 2.28
C PRO E 121 19.71 37.69 1.52
N HIS E 122 20.10 37.74 0.24
CA HIS E 122 20.20 36.51 -0.57
C HIS E 122 21.28 35.57 -0.09
N GLU E 123 22.41 36.13 0.34
CA GLU E 123 23.50 35.36 0.93
C GLU E 123 23.07 34.73 2.27
N ILE E 124 22.37 35.51 3.09
CA ILE E 124 21.82 35.03 4.35
C ILE E 124 20.85 33.88 4.09
N GLN E 125 20.01 34.03 3.07
CA GLN E 125 19.12 32.96 2.65
C GLN E 125 19.88 31.66 2.40
N GLU E 126 21.00 31.74 1.67
CA GLU E 126 21.82 30.58 1.34
C GLU E 126 22.53 29.97 2.56
N LYS E 127 23.17 30.82 3.36
CA LYS E 127 23.98 30.38 4.51
C LYS E 127 23.17 29.94 5.72
N LEU E 128 21.87 30.24 5.73
CA LEU E 128 20.96 29.71 6.73
C LEU E 128 20.21 28.48 6.21
N GLY E 129 20.55 28.06 5.00
CA GLY E 129 19.98 26.83 4.41
C GLY E 129 18.48 26.85 4.25
N LEU E 130 17.93 28.05 4.01
CA LEU E 130 16.50 28.20 3.84
C LEU E 130 16.03 27.79 2.45
N THR E 131 16.91 28.00 1.46
CA THR E 131 16.61 27.76 0.04
C THR E 131 15.92 26.43 -0.23
N ARG E 132 16.42 25.36 0.38
CA ARG E 132 15.86 24.02 0.20
C ARG E 132 14.53 23.82 0.92
N ILE E 133 14.29 24.56 2.01
CA ILE E 133 13.03 24.43 2.78
C ILE E 133 11.83 24.95 2.00
N ARG E 134 10.84 24.09 1.81
CA ARG E 134 9.65 24.46 1.04
C ARG E 134 8.35 24.13 1.76
N ASP E 135 8.42 23.19 2.71
CA ASP E 135 7.27 22.81 3.52
C ASP E 135 6.92 23.85 4.60
N ARG E 136 7.73 24.91 4.70
CA ARG E 136 7.56 25.96 5.71
C ARG E 136 7.56 27.34 5.07
N ASN E 137 6.84 28.28 5.69
CA ASN E 137 6.68 29.63 5.15
C ASN E 137 7.68 30.62 5.74
N TRP E 138 8.72 30.92 4.99
CA TRP E 138 9.77 31.83 5.48
C TRP E 138 10.01 33.05 4.57
N TYR E 139 10.84 33.98 5.04
CA TYR E 139 11.14 35.22 4.34
C TYR E 139 12.35 35.88 4.98
N VAL E 140 13.27 36.36 4.14
CA VAL E 140 14.45 37.07 4.64
C VAL E 140 14.29 38.57 4.42
N GLN E 141 14.20 39.30 5.54
CA GLN E 141 13.90 40.72 5.55
C GLN E 141 15.13 41.53 5.97
N PRO E 142 15.69 42.32 5.03
CA PRO E 142 16.85 43.18 5.35
C PRO E 142 16.46 44.27 6.34
N SER E 143 17.31 44.49 7.34
CA SER E 143 16.97 45.47 8.37
C SER E 143 18.15 46.17 9.03
N CYS E 144 17.85 47.32 9.63
CA CYS E 144 18.79 48.03 10.47
C CYS E 144 18.02 48.46 11.71
N ALA E 145 18.28 47.79 12.83
CA ALA E 145 17.51 47.98 14.06
C ALA E 145 17.70 49.35 14.70
N THR E 146 18.83 49.99 14.40
CA THR E 146 19.14 51.27 15.02
C THR E 146 18.39 52.42 14.33
N SER E 147 18.09 52.26 13.04
CA SER E 147 17.35 53.26 12.28
C SER E 147 15.88 52.87 12.13
N GLY E 148 15.61 51.57 12.15
CA GLY E 148 14.26 51.07 11.99
C GLY E 148 13.99 50.47 10.62
N ASP E 149 14.84 50.81 9.65
CA ASP E 149 14.70 50.29 8.29
C ASP E 149 14.41 48.79 8.31
N GLY E 150 13.33 48.39 7.62
CA GLY E 150 13.01 46.98 7.41
C GLY E 150 12.13 46.34 8.48
N LEU E 151 12.20 46.87 9.70
CA LEU E 151 11.45 46.33 10.82
C LEU E 151 9.96 46.21 10.52
N TYR E 152 9.31 47.32 10.19
CA TYR E 152 7.86 47.32 9.95
C TYR E 152 7.46 46.53 8.71
N GLU E 153 8.37 46.48 7.74
CA GLU E 153 8.16 45.66 6.55
C GLU E 153 8.13 44.21 7.01
N GLY E 154 8.95 43.90 8.01
CA GLY E 154 8.95 42.58 8.66
C GLY E 154 7.63 42.25 9.35
N LEU E 155 7.15 43.16 10.19
CA LEU E 155 5.85 43.00 10.84
C LEU E 155 4.72 42.90 9.83
N THR E 156 4.86 43.60 8.69
CA THR E 156 3.86 43.53 7.63
C THR E 156 3.82 42.13 7.07
N TRP E 157 4.99 41.53 6.87
CA TRP E 157 5.09 40.19 6.31
C TRP E 157 4.34 39.15 7.15
N LEU E 158 4.53 39.26 8.48
CA LEU E 158 3.87 38.36 9.42
C LEU E 158 2.34 38.50 9.37
N THR E 159 1.85 39.74 9.25
CA THR E 159 0.42 40.04 9.17
C THR E 159 -0.23 39.36 7.97
N SER E 160 0.36 39.56 6.80
CA SER E 160 -0.10 38.98 5.55
C SER E 160 -0.10 37.44 5.60
N ASN E 161 0.98 36.86 6.12
CA ASN E 161 1.22 35.42 5.98
C ASN E 161 0.69 34.56 7.13
N TYR E 162 -0.25 35.11 7.90
CA TYR E 162 -0.82 34.40 9.03
C TYR E 162 -2.32 34.21 8.90
N PRO F 12 14.64 57.98 27.93
CA PRO F 12 14.24 57.46 29.23
C PRO F 12 14.70 56.03 29.50
N PRO F 13 14.90 55.68 30.77
CA PRO F 13 15.29 54.32 31.17
C PRO F 13 14.14 53.35 30.95
N ILE F 14 14.44 52.13 30.56
CA ILE F 14 13.42 51.14 30.23
C ILE F 14 12.82 50.46 31.46
N ARG F 15 13.68 50.15 32.43
CA ARG F 15 13.28 49.44 33.65
C ARG F 15 14.11 49.88 34.85
N LEU F 16 13.62 49.64 36.06
CA LEU F 16 14.51 49.72 37.23
C LEU F 16 15.56 48.62 37.08
N ARG F 17 16.83 48.94 37.35
CA ARG F 17 17.92 48.00 37.03
C ARG F 17 18.61 47.18 38.14
N HIS F 18 19.05 47.83 39.21
CA HIS F 18 19.91 47.19 40.20
C HIS F 18 19.29 46.03 40.93
N ARG F 19 18.03 46.21 41.30
CA ARG F 19 17.20 45.20 41.98
C ARG F 19 15.72 45.61 41.99
N ARG F 20 14.82 44.62 42.13
CA ARG F 20 13.38 44.88 42.13
C ARG F 20 12.66 44.39 43.40
N SER F 21 12.79 45.17 44.49
CA SER F 21 12.06 44.91 45.73
C SER F 21 11.18 46.11 46.11
N ARG F 22 10.21 46.41 45.24
CA ARG F 22 9.32 47.56 45.43
C ARG F 22 8.36 47.34 46.60
N SER F 23 8.40 46.15 47.20
CA SER F 23 7.47 45.84 48.28
C SER F 23 7.97 44.76 49.24
N ALA F 24 7.37 44.74 50.44
CA ALA F 24 7.64 43.70 51.42
C ALA F 24 7.04 42.38 50.92
N GLY F 25 7.69 41.27 51.27
CA GLY F 25 7.25 39.97 50.81
C GLY F 25 7.79 39.68 49.42
N ASP F 26 7.38 38.55 48.85
CA ASP F 26 7.90 38.16 47.53
C ASP F 26 7.07 37.08 46.84
N ARG F 27 6.60 37.42 45.64
CA ARG F 27 5.69 36.60 44.86
C ARG F 27 6.43 36.08 43.64
N TRP F 28 6.25 34.80 43.33
CA TRP F 28 7.05 34.11 42.31
C TRP F 28 6.25 33.53 41.16
N VAL F 29 6.74 33.69 39.94
CA VAL F 29 6.22 32.89 38.84
C VAL F 29 6.94 31.55 38.88
N ASP F 30 6.19 30.47 39.09
CA ASP F 30 6.75 29.12 39.05
C ASP F 30 6.51 28.52 37.67
N HIS F 31 7.51 28.64 36.80
CA HIS F 31 7.40 28.16 35.43
C HIS F 31 7.88 26.71 35.30
N LYS F 32 6.93 25.79 35.43
CA LYS F 32 7.21 24.36 35.45
C LYS F 32 6.64 23.78 34.16
N PRO F 33 7.52 23.51 33.17
CA PRO F 33 7.21 22.85 31.91
C PRO F 33 6.42 21.57 32.08
N ALA F 34 5.50 21.30 31.15
CA ALA F 34 4.75 20.03 31.13
C ALA F 34 5.66 18.82 31.17
N SER F 35 6.81 18.91 30.51
CA SER F 35 7.79 17.85 30.45
C SER F 35 8.43 17.55 31.79
N ASN F 36 8.30 18.49 32.73
CA ASN F 36 8.93 18.35 34.04
C ASN F 36 8.39 17.16 34.81
N MET F 37 9.30 16.40 35.39
CA MET F 37 8.87 15.32 36.25
C MET F 37 9.58 15.42 37.59
N GLN F 38 8.86 15.05 38.64
CA GLN F 38 9.38 15.12 39.98
C GLN F 38 10.41 14.02 40.20
N THR F 39 11.60 14.42 40.62
CA THR F 39 12.67 13.47 40.91
C THR F 39 12.41 12.89 42.27
N GLU F 40 12.93 11.69 42.50
CA GLU F 40 12.77 11.03 43.80
C GLU F 40 13.92 11.41 44.72
N THR F 41 14.04 12.70 45.00
CA THR F 41 15.15 13.22 45.77
C THR F 41 14.67 13.82 47.08
N VAL F 42 15.59 13.91 48.03
CA VAL F 42 15.34 14.55 49.31
C VAL F 42 15.28 16.05 49.14
N MET F 43 16.13 16.60 48.27
CA MET F 43 16.04 18.00 47.91
C MET F 43 14.80 18.20 47.07
N GLN F 44 13.97 19.17 47.47
CA GLN F 44 12.75 19.51 46.73
C GLN F 44 12.59 21.01 46.71
N PRO F 45 12.02 21.57 45.62
CA PRO F 45 11.86 23.02 45.49
C PRO F 45 10.65 23.57 46.26
N HIS F 46 10.85 24.69 46.95
CA HIS F 46 9.80 25.38 47.73
C HIS F 46 9.78 26.85 47.38
N VAL F 47 8.66 27.28 46.82
CA VAL F 47 8.53 28.67 46.44
C VAL F 47 7.30 29.29 47.08
N PRO F 48 7.50 30.36 47.88
CA PRO F 48 6.42 31.01 48.62
C PRO F 48 5.56 31.90 47.72
N HIS F 49 4.26 31.98 48.01
CA HIS F 49 3.33 32.77 47.22
C HIS F 49 3.55 32.59 45.71
N ALA F 50 3.57 31.35 45.26
CA ALA F 50 3.89 31.03 43.87
C ALA F 50 2.66 31.00 42.97
N ILE F 51 2.82 31.49 41.73
CA ILE F 51 1.85 31.21 40.67
C ILE F 51 2.48 30.19 39.72
N THR F 52 1.94 28.98 39.69
CA THR F 52 2.48 27.91 38.85
C THR F 52 1.88 27.92 37.46
N VAL F 53 2.76 27.95 36.45
CA VAL F 53 2.35 27.92 35.05
C VAL F 53 3.16 26.90 34.26
N SER F 54 2.55 26.30 33.24
CA SER F 54 3.25 25.40 32.33
C SER F 54 3.77 26.14 31.11
N VAL F 55 3.31 27.38 30.92
CA VAL F 55 3.75 28.20 29.81
C VAL F 55 4.03 29.61 30.34
N ALA F 56 5.14 30.22 29.91
CA ALA F 56 5.43 31.61 30.27
C ALA F 56 4.28 32.51 29.85
N ASN F 57 3.96 33.48 30.70
CA ASN F 57 2.71 34.19 30.59
C ASN F 57 2.92 35.59 31.12
N GLU F 58 2.55 36.60 30.33
CA GLU F 58 2.80 37.99 30.69
C GLU F 58 1.98 38.42 31.91
N LYS F 59 0.71 38.02 31.95
CA LYS F 59 -0.14 38.33 33.09
C LYS F 59 0.51 37.84 34.39
N ALA F 60 1.11 36.66 34.35
CA ALA F 60 1.78 36.08 35.51
C ALA F 60 2.99 36.90 35.96
N LEU F 61 3.75 37.41 34.99
CA LEU F 61 4.90 38.26 35.29
C LEU F 61 4.48 39.59 35.88
N ALA F 62 3.38 40.14 35.36
CA ALA F 62 2.84 41.40 35.86
C ALA F 62 2.50 41.33 37.36
N LYS F 63 2.03 40.16 37.81
CA LYS F 63 1.62 39.97 39.20
C LYS F 63 2.78 39.76 40.16
N CYS F 64 3.94 39.35 39.64
CA CYS F 64 5.02 38.87 40.48
C CYS F 64 6.29 39.72 40.47
N GLU F 65 7.13 39.49 41.48
CA GLU F 65 8.40 40.17 41.63
C GLU F 65 9.57 39.25 41.25
N LYS F 66 9.32 37.93 41.27
CA LYS F 66 10.36 36.93 41.05
C LYS F 66 9.95 35.86 40.04
N TYR F 67 10.94 35.31 39.34
CA TYR F 67 10.69 34.32 38.29
C TYR F 67 11.60 33.12 38.45
N MET F 68 11.03 31.92 38.30
CA MET F 68 11.81 30.69 38.32
C MET F 68 11.41 29.73 37.21
N LEU F 69 12.40 29.18 36.52
CA LEU F 69 12.17 28.17 35.50
C LEU F 69 12.84 26.85 35.91
N THR F 70 12.08 25.75 35.87
CA THR F 70 12.65 24.44 36.17
C THR F 70 12.97 23.76 34.86
N HIS F 71 14.23 23.40 34.70
CA HIS F 71 14.73 22.80 33.47
C HIS F 71 15.42 21.49 33.83
N GLN F 72 15.28 20.50 32.95
CA GLN F 72 15.80 19.17 33.20
C GLN F 72 16.46 18.58 31.97
N GLU F 73 17.65 18.03 32.17
CA GLU F 73 18.38 17.35 31.12
C GLU F 73 18.88 16.03 31.63
N LEU F 74 19.14 15.11 30.71
CA LEU F 74 19.82 13.85 31.01
C LEU F 74 21.33 14.11 31.02
N ALA F 75 22.01 13.71 32.09
CA ALA F 75 23.44 13.98 32.23
C ALA F 75 24.34 12.83 31.75
N SER F 76 25.63 13.13 31.60
CA SER F 76 26.65 12.20 31.12
C SER F 76 26.53 10.79 31.69
N ASP F 77 26.25 10.69 32.98
CA ASP F 77 26.15 9.38 33.65
C ASP F 77 24.73 8.79 33.61
N GLY F 78 23.85 9.42 32.85
CA GLY F 78 22.49 8.92 32.67
C GLY F 78 21.56 9.22 33.83
N GLU F 79 21.96 10.19 34.65
CA GLU F 79 21.15 10.67 35.77
C GLU F 79 20.50 11.97 35.36
N ILE F 80 19.28 12.17 35.80
CA ILE F 80 18.59 13.43 35.56
C ILE F 80 19.31 14.57 36.28
N GLU F 81 19.44 15.71 35.59
CA GLU F 81 19.95 16.92 36.20
C GLU F 81 18.89 18.02 36.13
N THR F 82 18.57 18.57 37.29
CA THR F 82 17.52 19.56 37.40
C THR F 82 18.17 20.89 37.71
N LYS F 83 17.79 21.90 36.95
CA LYS F 83 18.29 23.26 37.17
C LYS F 83 17.15 24.21 37.45
N LEU F 84 17.32 25.03 38.48
CA LEU F 84 16.35 26.04 38.78
C LEU F 84 16.92 27.41 38.42
N ILE F 85 16.41 27.99 37.34
CA ILE F 85 16.90 29.28 36.87
C ILE F 85 16.01 30.37 37.44
N LYS F 86 16.60 31.21 38.29
CA LYS F 86 15.84 32.24 39.02
C LYS F 86 16.27 33.66 38.64
N GLY F 87 15.32 34.60 38.66
CA GLY F 87 15.62 35.99 38.36
C GLY F 87 14.59 36.97 38.85
N ASP F 88 14.85 38.26 38.62
CA ASP F 88 13.94 39.33 39.01
C ASP F 88 13.06 39.76 37.85
N ILE F 89 11.81 40.11 38.15
CA ILE F 89 10.90 40.69 37.17
C ILE F 89 10.89 42.22 37.26
N TYR F 90 11.25 42.88 36.17
CA TYR F 90 11.11 44.33 36.08
C TYR F 90 10.02 44.69 35.08
N LYS F 91 9.22 45.70 35.42
CA LYS F 91 8.28 46.30 34.50
C LYS F 91 9.02 47.32 33.64
N THR F 92 8.51 47.56 32.44
CA THR F 92 9.16 48.47 31.48
C THR F 92 8.24 49.63 31.08
N ARG F 93 8.83 50.77 30.72
CA ARG F 93 8.08 51.98 30.30
C ARG F 93 6.94 51.65 29.34
N GLY F 94 7.18 50.66 28.48
CA GLY F 94 6.26 50.31 27.40
C GLY F 94 5.08 49.50 27.88
N GLY F 95 5.07 49.16 29.17
CA GLY F 95 4.01 48.33 29.71
C GLY F 95 4.28 46.85 29.54
N GLY F 96 5.54 46.51 29.32
CA GLY F 96 5.94 45.12 29.21
C GLY F 96 6.74 44.65 30.41
N GLN F 97 7.35 43.47 30.28
CA GLN F 97 8.13 42.88 31.35
C GLN F 97 9.55 42.52 30.93
N SER F 98 10.48 42.61 31.88
CA SER F 98 11.86 42.19 31.71
C SER F 98 12.29 41.30 32.86
N VAL F 99 12.81 40.12 32.52
CA VAL F 99 13.24 39.17 33.52
C VAL F 99 14.74 39.05 33.41
N GLN F 100 15.43 39.32 34.52
CA GLN F 100 16.88 39.14 34.59
C GLN F 100 17.21 37.96 35.48
N PHE F 101 17.91 36.98 34.91
CA PHE F 101 18.32 35.81 35.66
C PHE F 101 19.45 36.20 36.62
N THR F 102 19.31 35.78 37.87
CA THR F 102 20.25 36.17 38.94
C THR F 102 21.12 35.00 39.39
N ASP F 103 20.55 33.83 39.56
CA ASP F 103 21.37 32.63 39.78
C ASP F 103 20.68 31.34 39.39
N ILE F 104 21.45 30.24 39.42
CA ILE F 104 20.97 28.93 39.01
C ILE F 104 21.35 27.90 40.08
N GLU F 105 20.34 27.19 40.58
CA GLU F 105 20.58 26.01 41.42
C GLU F 105 20.61 24.76 40.54
N THR F 106 21.57 23.89 40.81
CA THR F 106 21.68 22.65 40.08
C THR F 106 21.59 21.50 41.08
N LEU F 107 20.69 20.55 40.80
CA LEU F 107 20.56 19.35 41.61
C LEU F 107 20.90 18.11 40.80
N LYS F 108 22.00 17.44 41.15
CA LYS F 108 22.40 16.23 40.44
C LYS F 108 22.54 15.04 41.39
N GLN F 109 22.30 13.85 40.84
CA GLN F 109 22.49 12.59 41.57
C GLN F 109 23.61 11.76 40.99
N GLU F 110 24.22 10.93 41.83
CA GLU F 110 25.26 10.02 41.40
C GLU F 110 25.40 8.90 42.43
N SER F 111 25.77 7.71 41.97
CA SER F 111 26.09 6.60 42.87
C SER F 111 27.48 6.85 43.46
N PRO F 112 27.70 6.38 44.68
CA PRO F 112 28.99 6.54 45.35
C PRO F 112 30.08 5.69 44.71
N ASN F 113 30.51 6.07 43.51
CA ASN F 113 31.54 5.34 42.79
C ASN F 113 31.61 5.74 41.32
N MET G 1 34.33 -0.80 81.58
CA MET G 1 34.13 0.50 80.87
C MET G 1 33.81 0.35 79.38
N GLU G 2 33.61 1.49 78.70
CA GLU G 2 33.26 1.48 77.29
C GLU G 2 34.15 2.43 76.48
N MET G 3 34.67 1.94 75.36
CA MET G 3 35.56 2.73 74.51
C MET G 3 35.04 2.90 73.08
N ARG G 4 34.90 4.16 72.68
CA ARG G 4 34.53 4.52 71.32
C ARG G 4 35.77 4.46 70.44
N ILE G 5 35.68 3.71 69.36
CA ILE G 5 36.82 3.49 68.47
C ILE G 5 36.46 3.82 67.03
N LEU G 6 37.25 4.69 66.41
CA LEU G 6 37.15 4.99 64.99
C LEU G 6 38.29 4.30 64.26
N MET G 7 37.96 3.49 63.26
CA MET G 7 38.99 2.77 62.51
C MET G 7 39.04 3.29 61.09
N LEU G 8 40.18 3.87 60.73
CA LEU G 8 40.34 4.51 59.44
C LEU G 8 41.60 3.98 58.76
N GLY G 9 41.73 4.27 57.46
CA GLY G 9 42.86 3.84 56.67
C GLY G 9 42.46 3.76 55.22
N LEU G 10 43.45 3.75 54.33
CA LEU G 10 43.16 3.71 52.89
C LEU G 10 42.38 2.44 52.55
N ASP G 11 41.71 2.46 51.40
CA ASP G 11 41.00 1.26 50.93
C ASP G 11 41.96 0.07 50.84
N ALA G 12 41.42 -1.12 51.08
CA ALA G 12 42.18 -2.38 50.96
C ALA G 12 43.23 -2.59 52.05
N ALA G 13 43.25 -1.72 53.07
CA ALA G 13 44.15 -1.89 54.20
C ALA G 13 43.73 -3.06 55.09
N GLY G 14 42.44 -3.39 55.10
CA GLY G 14 41.94 -4.55 55.84
C GLY G 14 41.10 -4.24 57.08
N LYS G 15 40.55 -3.03 57.13
CA LYS G 15 39.78 -2.56 58.29
C LYS G 15 38.60 -3.46 58.60
N THR G 16 37.81 -3.77 57.58
CA THR G 16 36.64 -4.62 57.73
C THR G 16 37.04 -6.04 58.16
N THR G 17 38.12 -6.57 57.56
CA THR G 17 38.61 -7.90 57.89
C THR G 17 38.97 -7.95 59.37
N ILE G 18 39.61 -6.89 59.86
CA ILE G 18 39.97 -6.75 61.27
C ILE G 18 38.71 -6.79 62.15
N LEU G 19 37.72 -5.99 61.77
CA LEU G 19 36.48 -5.84 62.55
C LEU G 19 35.67 -7.13 62.70
N TYR G 20 35.45 -7.84 61.60
CA TYR G 20 34.64 -9.06 61.67
C TYR G 20 35.40 -10.27 62.19
N LYS G 21 36.72 -10.28 61.98
CA LYS G 21 37.58 -11.30 62.58
C LYS G 21 37.56 -11.17 64.10
N LEU G 22 37.53 -9.93 64.59
CA LEU G 22 37.47 -9.66 66.03
C LEU G 22 36.12 -9.99 66.66
N LYS G 23 35.04 -9.80 65.89
CA LYS G 23 33.69 -9.95 66.42
C LYS G 23 33.15 -11.38 66.31
N LEU G 24 33.46 -12.05 65.20
CA LEU G 24 32.95 -13.40 64.95
C LEU G 24 34.04 -14.45 64.86
N GLY G 25 35.31 -14.03 64.92
CA GLY G 25 36.44 -14.95 64.86
C GLY G 25 36.54 -15.75 63.57
N GLN G 26 36.14 -15.12 62.47
CA GLN G 26 36.17 -15.78 61.16
C GLN G 26 36.70 -14.85 60.06
N SER G 27 37.49 -15.41 59.16
CA SER G 27 37.96 -14.67 57.99
C SER G 27 36.93 -14.76 56.87
N VAL G 28 36.23 -13.65 56.65
CA VAL G 28 35.17 -13.57 55.66
C VAL G 28 35.57 -12.75 54.44
N THR G 29 34.89 -13.00 53.32
CA THR G 29 35.13 -12.26 52.09
C THR G 29 34.54 -10.87 52.26
N THR G 30 35.33 -9.84 52.01
CA THR G 30 34.81 -8.49 52.07
C THR G 30 34.55 -7.90 50.70
N ILE G 31 33.72 -6.86 50.68
CA ILE G 31 33.54 -6.00 49.53
C ILE G 31 34.07 -4.64 49.97
N PRO G 32 34.70 -3.88 49.05
CA PRO G 32 35.08 -2.51 49.39
C PRO G 32 33.92 -1.77 50.03
N THR G 33 34.14 -1.20 51.22
CA THR G 33 33.07 -0.58 52.00
C THR G 33 32.74 0.83 51.54
N VAL G 34 31.64 0.93 50.81
CA VAL G 34 31.08 2.22 50.47
C VAL G 34 30.02 2.49 51.54
N GLY G 35 30.49 3.06 52.64
CA GLY G 35 29.68 3.28 53.83
C GLY G 35 30.53 3.07 55.07
N PHE G 36 29.90 2.54 56.13
CA PHE G 36 30.62 2.23 57.36
C PHE G 36 29.92 1.12 58.13
N ASN G 37 30.68 0.43 58.98
CA ASN G 37 30.19 -0.67 59.81
C ASN G 37 30.43 -0.40 61.30
N VAL G 38 29.43 -0.72 62.13
CA VAL G 38 29.56 -0.62 63.57
C VAL G 38 29.37 -1.98 64.23
N GLU G 39 30.33 -2.37 65.06
CA GLU G 39 30.20 -3.55 65.90
C GLU G 39 30.68 -3.21 67.29
N THR G 40 30.14 -3.89 68.29
CA THR G 40 30.64 -3.76 69.65
C THR G 40 31.33 -5.07 70.07
N VAL G 41 32.63 -4.98 70.32
CA VAL G 41 33.45 -6.13 70.68
C VAL G 41 33.93 -5.97 72.11
N THR G 42 33.91 -7.07 72.87
CA THR G 42 34.35 -7.07 74.27
C THR G 42 35.61 -7.91 74.46
N TYR G 43 36.64 -7.31 75.08
CA TYR G 43 37.91 -7.99 75.37
C TYR G 43 38.59 -7.43 76.63
N LYS G 44 38.94 -8.32 77.56
CA LYS G 44 39.52 -7.94 78.88
C LYS G 44 38.64 -6.93 79.63
N ASN G 45 37.33 -7.15 79.59
CA ASN G 45 36.33 -6.27 80.22
C ASN G 45 36.25 -4.83 79.69
N VAL G 46 36.67 -4.62 78.45
CA VAL G 46 36.50 -3.32 77.80
C VAL G 46 35.57 -3.47 76.61
N LYS G 47 34.47 -2.72 76.66
CA LYS G 47 33.44 -2.75 75.63
C LYS G 47 33.83 -1.79 74.49
N PHE G 48 34.42 -2.33 73.43
CA PHE G 48 34.90 -1.52 72.32
C PHE G 48 33.82 -1.27 71.28
N ASN G 49 33.36 -0.03 71.17
CA ASN G 49 32.43 0.37 70.12
C ASN G 49 33.23 0.86 68.93
N VAL G 50 33.29 0.04 67.87
CA VAL G 50 34.19 0.34 66.75
C VAL G 50 33.43 0.79 65.52
N TRP G 51 33.97 1.81 64.85
CA TRP G 51 33.39 2.36 63.63
C TRP G 51 34.35 2.22 62.45
N ASP G 52 34.06 1.26 61.58
CA ASP G 52 34.85 0.98 60.40
C ASP G 52 34.30 1.81 59.24
N VAL G 53 34.99 2.90 58.90
CA VAL G 53 34.54 3.76 57.80
C VAL G 53 35.32 3.47 56.52
N GLY G 54 34.60 3.36 55.40
CA GLY G 54 35.21 3.13 54.09
C GLY G 54 36.35 4.07 53.79
N GLY G 55 37.33 3.59 53.03
CA GLY G 55 38.56 4.34 52.81
C GLY G 55 38.83 4.70 51.36
N LEU G 56 37.87 4.39 50.48
CA LEU G 56 37.95 4.83 49.10
C LEU G 56 37.95 6.36 49.08
N ASP G 57 38.78 6.92 48.21
CA ASP G 57 39.07 8.37 48.14
C ASP G 57 37.87 9.33 48.20
N LYS G 58 36.74 8.95 47.60
CA LYS G 58 35.56 9.83 47.63
C LYS G 58 34.72 9.72 48.92
N ILE G 59 35.18 8.89 49.86
CA ILE G 59 34.54 8.75 51.17
C ILE G 59 35.31 9.52 52.24
N ARG G 60 36.63 9.58 52.07
CA ARG G 60 37.53 10.20 53.03
C ARG G 60 37.14 11.61 53.50
N PRO G 61 36.58 12.45 52.59
CA PRO G 61 36.17 13.77 53.07
C PRO G 61 35.07 13.69 54.11
N LEU G 62 34.41 12.54 54.21
CA LEU G 62 33.31 12.36 55.16
C LEU G 62 33.79 11.86 56.51
N TRP G 63 35.02 11.35 56.57
CA TRP G 63 35.59 10.84 57.81
C TRP G 63 35.35 11.78 58.99
N ARG G 64 35.55 13.07 58.76
CA ARG G 64 35.37 14.09 59.80
C ARG G 64 34.08 13.95 60.60
N HIS G 65 33.02 13.49 59.94
CA HIS G 65 31.70 13.44 60.55
C HIS G 65 31.56 12.31 61.55
N TYR G 66 32.64 11.56 61.74
CA TYR G 66 32.65 10.47 62.70
C TYR G 66 33.70 10.67 63.78
N TYR G 67 34.40 11.80 63.71
CA TYR G 67 35.45 12.15 64.66
C TYR G 67 34.91 12.30 66.07
N THR G 68 33.81 13.04 66.22
CA THR G 68 33.29 13.47 67.52
C THR G 68 33.11 12.31 68.49
N GLY G 69 33.74 12.45 69.66
CA GLY G 69 33.61 11.48 70.75
C GLY G 69 34.49 10.25 70.64
N THR G 70 35.39 10.24 69.66
CA THR G 70 36.34 9.14 69.49
C THR G 70 37.37 9.22 70.60
N GLN G 71 37.56 8.10 71.29
CA GLN G 71 38.53 8.02 72.37
C GLN G 71 39.76 7.28 71.87
N GLY G 72 39.55 6.41 70.89
CA GLY G 72 40.62 5.62 70.32
C GLY G 72 40.55 5.54 68.80
N LEU G 73 41.63 5.96 68.16
CA LEU G 73 41.77 5.85 66.72
C LEU G 73 42.63 4.63 66.37
N ILE G 74 42.05 3.75 65.57
CA ILE G 74 42.79 2.66 64.94
C ILE G 74 43.01 3.04 63.49
N PHE G 75 44.29 3.14 63.10
CA PHE G 75 44.63 3.41 61.71
C PHE G 75 45.34 2.21 61.12
N VAL G 76 44.72 1.64 60.09
CA VAL G 76 45.14 0.39 59.50
C VAL G 76 45.90 0.68 58.22
N VAL G 77 47.07 0.05 58.08
CA VAL G 77 47.90 0.25 56.89
C VAL G 77 48.17 -1.11 56.23
N ASP G 78 48.13 -1.13 54.91
CA ASP G 78 48.60 -2.25 54.12
C ASP G 78 50.10 -2.06 53.94
N CYS G 79 50.89 -2.91 54.60
CA CYS G 79 52.35 -2.74 54.62
C CYS G 79 53.05 -3.23 53.35
N ALA G 80 52.30 -3.91 52.47
CA ALA G 80 52.85 -4.35 51.19
C ALA G 80 52.71 -3.24 50.15
N ASP G 81 51.80 -2.30 50.42
CA ASP G 81 51.50 -1.21 49.49
C ASP G 81 52.44 -0.02 49.70
N ARG G 82 53.63 -0.09 49.11
CA ARG G 82 54.62 0.97 49.24
C ARG G 82 54.22 2.24 48.50
N ASP G 83 53.64 2.09 47.31
CA ASP G 83 53.24 3.24 46.47
C ASP G 83 52.34 4.25 47.19
N ARG G 84 51.47 3.74 48.06
CA ARG G 84 50.48 4.57 48.74
C ARG G 84 50.78 4.78 50.24
N ILE G 85 52.00 4.46 50.67
CA ILE G 85 52.37 4.67 52.08
C ILE G 85 52.43 6.17 52.43
N ASP G 86 53.01 6.96 51.53
CA ASP G 86 53.13 8.39 51.75
C ASP G 86 51.73 9.01 51.82
N GLU G 87 50.84 8.50 50.97
CA GLU G 87 49.45 8.92 50.95
C GLU G 87 48.79 8.63 52.29
N ALA G 88 49.14 7.49 52.88
CA ALA G 88 48.61 7.08 54.18
C ALA G 88 49.08 7.99 55.31
N ARG G 89 50.35 8.42 55.21
CA ARG G 89 50.90 9.36 56.17
C ARG G 89 50.14 10.66 56.13
N GLN G 90 49.91 11.17 54.92
CA GLN G 90 49.15 12.40 54.73
C GLN G 90 47.78 12.32 55.39
N GLU G 91 47.04 11.26 55.07
CA GLU G 91 45.70 11.07 55.62
C GLU G 91 45.74 10.96 57.15
N LEU G 92 46.66 10.14 57.66
CA LEU G 92 46.80 9.94 59.10
C LEU G 92 46.95 11.26 59.85
N HIS G 93 47.84 12.11 59.35
CA HIS G 93 48.14 13.37 60.02
C HIS G 93 47.03 14.40 59.85
N ARG G 94 46.37 14.37 58.70
CA ARG G 94 45.21 15.24 58.49
C ARG G 94 44.14 14.92 59.55
N ILE G 95 43.91 13.63 59.80
CA ILE G 95 43.00 13.15 60.84
C ILE G 95 43.37 13.68 62.24
N ILE G 96 44.58 13.36 62.70
CA ILE G 96 44.97 13.63 64.09
C ILE G 96 45.15 15.11 64.44
N ASN G 97 45.28 15.95 63.43
CA ASN G 97 45.41 17.40 63.65
C ASN G 97 44.06 18.12 63.81
N ASP G 98 42.96 17.39 63.61
CA ASP G 98 41.62 17.96 63.78
C ASP G 98 41.33 18.21 65.26
N ARG G 99 40.60 19.30 65.53
CA ARG G 99 40.23 19.68 66.89
C ARG G 99 39.49 18.55 67.62
N GLU G 100 38.63 17.85 66.89
CA GLU G 100 37.83 16.77 67.46
C GLU G 100 38.66 15.54 67.84
N MET G 101 39.78 15.33 67.16
CA MET G 101 40.63 14.16 67.41
C MET G 101 41.84 14.48 68.28
N ARG G 102 41.77 15.61 68.99
CA ARG G 102 42.86 16.12 69.82
C ARG G 102 43.26 15.19 70.97
N ASP G 103 42.27 14.56 71.59
CA ASP G 103 42.46 13.77 72.82
C ASP G 103 42.57 12.25 72.58
N ALA G 104 42.30 11.82 71.35
CA ALA G 104 42.26 10.37 71.04
C ALA G 104 43.65 9.74 71.01
N ILE G 105 43.76 8.54 71.57
CA ILE G 105 45.00 7.76 71.45
C ILE G 105 45.06 7.09 70.07
N ILE G 106 46.27 6.88 69.56
CA ILE G 106 46.47 6.42 68.18
C ILE G 106 47.10 5.02 68.10
N LEU G 107 46.40 4.09 67.47
CA LEU G 107 46.94 2.75 67.23
C LEU G 107 47.09 2.48 65.75
N ILE G 108 48.30 2.12 65.34
CA ILE G 108 48.51 1.75 63.95
C ILE G 108 48.57 0.24 63.82
N PHE G 109 47.73 -0.30 62.95
CA PHE G 109 47.84 -1.70 62.61
C PHE G 109 48.70 -1.84 61.37
N ALA G 110 49.97 -2.19 61.59
CA ALA G 110 50.88 -2.50 60.50
C ALA G 110 50.48 -3.86 59.93
N ASN G 111 49.44 -3.84 59.10
CA ASN G 111 48.74 -5.05 58.68
C ASN G 111 49.37 -5.74 57.47
N LYS G 112 48.96 -6.99 57.27
CA LYS G 112 49.41 -7.83 56.15
C LYS G 112 50.89 -8.21 56.28
N GLN G 113 51.34 -8.42 57.52
CA GLN G 113 52.71 -8.84 57.81
C GLN G 113 53.05 -10.18 57.15
N ASP G 114 52.01 -10.97 56.89
CA ASP G 114 52.15 -12.27 56.25
C ASP G 114 52.63 -12.15 54.81
N LEU G 115 52.34 -11.00 54.19
CA LEU G 115 52.62 -10.79 52.78
C LEU G 115 54.11 -10.67 52.50
N PRO G 116 54.60 -11.33 51.42
CA PRO G 116 56.00 -11.29 51.02
C PRO G 116 56.54 -9.87 50.99
N ASP G 117 57.66 -9.64 51.67
CA ASP G 117 58.32 -8.34 51.71
C ASP G 117 57.34 -7.22 52.10
N ALA G 118 56.72 -7.36 53.26
CA ALA G 118 55.92 -6.28 53.84
C ALA G 118 56.83 -5.41 54.69
N MET G 119 56.50 -4.12 54.78
CA MET G 119 57.25 -3.18 55.61
C MET G 119 57.10 -3.52 57.09
N LYS G 120 58.21 -3.48 57.83
CA LYS G 120 58.22 -3.82 59.25
C LYS G 120 57.66 -2.69 60.11
N PRO G 121 57.18 -3.02 61.34
CA PRO G 121 56.59 -2.03 62.25
C PRO G 121 57.40 -0.75 62.44
N HIS G 122 58.73 -0.84 62.51
CA HIS G 122 59.54 0.34 62.67
C HIS G 122 59.66 1.17 61.40
N GLU G 123 59.67 0.51 60.24
CA GLU G 123 59.68 1.21 58.97
C GLU G 123 58.37 1.96 58.77
N ILE G 124 57.26 1.32 59.17
CA ILE G 124 55.93 1.94 59.15
C ILE G 124 55.91 3.20 60.02
N GLN G 125 56.43 3.07 61.24
CA GLN G 125 56.56 4.20 62.15
C GLN G 125 57.29 5.39 61.48
N GLU G 126 58.43 5.08 60.87
CA GLU G 126 59.24 6.08 60.16
C GLU G 126 58.47 6.76 59.02
N LYS G 127 57.87 5.94 58.16
CA LYS G 127 57.22 6.46 56.96
C LYS G 127 55.82 7.05 57.17
N LEU G 128 55.24 6.83 58.34
CA LEU G 128 54.02 7.53 58.74
C LEU G 128 54.34 8.81 59.50
N GLY G 129 55.64 9.06 59.71
CA GLY G 129 56.11 10.25 60.42
C GLY G 129 55.68 10.34 61.88
N LEU G 130 55.66 9.20 62.55
CA LEU G 130 55.16 9.12 63.92
C LEU G 130 56.22 9.36 64.97
N THR G 131 57.46 8.96 64.66
CA THR G 131 58.57 8.99 65.62
C THR G 131 58.80 10.39 66.24
N ARG G 132 58.61 11.43 65.43
CA ARG G 132 58.78 12.82 65.87
C ARG G 132 57.70 13.28 66.88
N ILE G 133 56.49 12.76 66.72
CA ILE G 133 55.34 13.10 67.59
C ILE G 133 55.56 12.66 69.05
N ARG G 134 55.42 13.61 69.97
CA ARG G 134 55.65 13.35 71.40
C ARG G 134 54.50 13.82 72.30
N ASP G 135 53.62 14.65 71.75
CA ASP G 135 52.46 15.18 72.49
C ASP G 135 51.22 14.27 72.40
N ARG G 136 51.37 13.13 71.71
CA ARG G 136 50.28 12.19 71.53
C ARG G 136 50.71 10.78 71.93
N ASN G 137 49.76 10.01 72.44
CA ASN G 137 50.00 8.63 72.84
C ASN G 137 49.72 7.67 71.66
N TRP G 138 50.77 7.00 71.18
CA TRP G 138 50.65 6.13 70.00
C TRP G 138 51.51 4.85 70.07
N TYR G 139 51.28 3.95 69.12
CA TYR G 139 51.95 2.65 69.05
C TYR G 139 51.67 2.01 67.69
N VAL G 140 52.64 1.29 67.15
CA VAL G 140 52.46 0.57 65.90
C VAL G 140 52.47 -0.93 66.16
N GLN G 141 51.37 -1.59 65.81
CA GLN G 141 51.21 -3.02 66.05
C GLN G 141 51.25 -3.83 64.75
N PRO G 142 52.20 -4.78 64.66
CA PRO G 142 52.22 -5.72 63.52
C PRO G 142 51.02 -6.65 63.60
N SER G 143 50.35 -6.86 62.46
CA SER G 143 49.15 -7.69 62.45
C SER G 143 48.92 -8.45 61.15
N CYS G 144 48.21 -9.56 61.26
CA CYS G 144 47.70 -10.30 60.12
C CYS G 144 46.21 -10.55 60.33
N ALA G 145 45.38 -9.76 59.65
CA ALA G 145 43.94 -9.75 59.87
C ALA G 145 43.25 -11.06 59.53
N THR G 146 43.78 -11.78 58.54
CA THR G 146 43.17 -13.01 58.09
C THR G 146 43.50 -14.21 58.98
N SER G 147 44.55 -14.09 59.80
CA SER G 147 44.94 -15.16 60.73
C SER G 147 44.64 -14.84 62.21
N GLY G 148 44.48 -13.55 62.51
CA GLY G 148 44.20 -13.10 63.86
C GLY G 148 45.42 -12.54 64.58
N ASP G 149 46.59 -12.70 63.95
CA ASP G 149 47.87 -12.28 64.54
C ASP G 149 47.93 -10.78 64.80
N GLY G 150 48.36 -10.42 66.01
CA GLY G 150 48.57 -9.02 66.37
C GLY G 150 47.33 -8.27 66.82
N LEU G 151 46.17 -8.66 66.31
CA LEU G 151 44.92 -7.94 66.58
C LEU G 151 44.60 -7.79 68.07
N TYR G 152 44.57 -8.91 68.79
CA TYR G 152 44.24 -8.89 70.21
C TYR G 152 45.29 -8.19 71.06
N GLU G 153 46.52 -8.12 70.55
CA GLU G 153 47.60 -7.40 71.21
C GLU G 153 47.38 -5.89 71.08
N GLY G 154 46.72 -5.50 70.00
CA GLY G 154 46.39 -4.10 69.74
C GLY G 154 45.33 -3.57 70.68
N LEU G 155 44.28 -4.36 70.89
CA LEU G 155 43.23 -4.02 71.84
C LEU G 155 43.78 -3.97 73.27
N THR G 156 44.72 -4.88 73.58
CA THR G 156 45.41 -4.91 74.87
C THR G 156 46.15 -3.59 75.13
N TRP G 157 46.74 -3.03 74.08
CA TRP G 157 47.42 -1.74 74.20
C TRP G 157 46.43 -0.64 74.58
N LEU G 158 45.37 -0.50 73.77
CA LEU G 158 44.33 0.52 74.01
C LEU G 158 43.76 0.45 75.42
N THR G 159 43.62 -0.77 75.95
CA THR G 159 43.15 -1.01 77.31
C THR G 159 44.08 -0.33 78.32
N SER G 160 45.39 -0.53 78.13
CA SER G 160 46.39 0.00 79.06
C SER G 160 46.51 1.52 79.04
N ASN G 161 46.15 2.13 77.91
CA ASN G 161 46.31 3.57 77.72
C ASN G 161 44.99 4.31 77.83
N TYR G 162 45.01 5.43 78.57
CA TYR G 162 43.83 6.25 78.86
C TYR G 162 42.51 5.70 78.33
N ASP H 26 8.92 4.27 56.09
CA ASP H 26 10.42 4.27 56.20
C ASP H 26 10.95 5.29 57.21
N ARG H 27 11.86 4.84 58.06
CA ARG H 27 12.42 5.65 59.13
C ARG H 27 13.86 6.04 58.84
N TRP H 28 14.21 7.29 59.12
CA TRP H 28 15.49 7.86 58.71
C TRP H 28 16.31 8.40 59.87
N VAL H 29 17.61 8.09 59.84
CA VAL H 29 18.60 8.78 60.66
C VAL H 29 19.05 10.02 59.89
N ASP H 30 18.78 11.19 60.45
CA ASP H 30 19.20 12.44 59.83
C ASP H 30 20.47 12.91 60.51
N HIS H 31 21.61 12.49 59.97
CA HIS H 31 22.91 12.86 60.52
C HIS H 31 23.35 14.22 59.97
N LYS H 32 23.00 15.26 60.73
CA LYS H 32 23.24 16.64 60.34
C LYS H 32 24.30 17.25 61.27
N PRO H 33 25.55 17.38 60.78
CA PRO H 33 26.68 17.93 61.53
C PRO H 33 26.39 19.29 62.17
N ALA H 34 27.04 19.59 63.29
CA ALA H 34 26.89 20.88 63.94
C ALA H 34 27.41 22.03 63.07
N SER H 35 28.33 21.71 62.18
CA SER H 35 28.93 22.69 61.27
C SER H 35 28.00 23.06 60.13
N ASN H 36 27.07 22.16 59.81
CA ASN H 36 26.11 22.39 58.74
C ASN H 36 25.38 23.70 58.92
N MET H 37 25.29 24.46 57.84
CA MET H 37 24.49 25.68 57.83
C MET H 37 23.49 25.64 56.68
N GLN H 38 22.33 26.24 56.92
CA GLN H 38 21.26 26.18 55.95
C GLN H 38 21.53 27.15 54.82
N THR H 39 21.51 26.63 53.60
CA THR H 39 21.72 27.46 52.41
C THR H 39 20.46 28.28 52.14
N GLU H 40 20.64 29.41 51.46
CA GLU H 40 19.49 30.22 51.05
C GLU H 40 19.06 29.84 49.64
N THR H 41 18.54 28.62 49.51
CA THR H 41 18.17 28.06 48.21
C THR H 41 16.71 27.64 48.17
N VAL H 42 16.17 27.51 46.97
CA VAL H 42 14.82 26.98 46.77
C VAL H 42 14.75 25.47 47.07
N MET H 43 15.72 24.71 46.60
CA MET H 43 15.89 23.32 47.03
C MET H 43 16.20 23.24 48.51
N GLN H 44 15.42 22.45 49.25
CA GLN H 44 15.66 22.18 50.67
C GLN H 44 15.38 20.70 50.95
N PRO H 45 16.06 20.10 51.95
CA PRO H 45 15.88 18.67 52.21
C PRO H 45 14.65 18.33 53.04
N HIS H 46 13.95 17.26 52.65
CA HIS H 46 12.76 16.76 53.33
C HIS H 46 12.92 15.30 53.65
N VAL H 47 12.99 15.01 54.94
CA VAL H 47 13.11 13.63 55.37
C VAL H 47 11.93 13.24 56.25
N PRO H 48 11.19 12.19 55.84
CA PRO H 48 10.06 11.70 56.63
C PRO H 48 10.55 10.86 57.82
N HIS H 49 9.78 10.90 58.91
CA HIS H 49 10.07 10.10 60.10
C HIS H 49 11.54 10.22 60.49
N ALA H 50 12.02 11.46 60.60
CA ALA H 50 13.44 11.73 60.78
C ALA H 50 13.85 11.83 62.24
N ILE H 51 14.87 11.06 62.61
CA ILE H 51 15.56 11.24 63.89
C ILE H 51 16.83 12.01 63.56
N THR H 52 16.88 13.27 63.99
CA THR H 52 18.04 14.12 63.68
C THR H 52 19.09 14.05 64.78
N VAL H 53 20.33 13.83 64.38
CA VAL H 53 21.44 13.78 65.30
C VAL H 53 22.56 14.65 64.77
N SER H 54 23.40 15.16 65.66
CA SER H 54 24.61 15.88 65.25
C SER H 54 25.78 14.91 65.20
N VAL H 55 25.61 13.77 65.87
CA VAL H 55 26.64 12.75 65.99
C VAL H 55 26.06 11.40 65.62
N ALA H 56 26.80 10.63 64.81
CA ALA H 56 26.43 9.23 64.52
C ALA H 56 26.25 8.44 65.81
N ASN H 57 25.30 7.51 65.78
CA ASN H 57 24.78 6.92 67.00
C ASN H 57 24.25 5.52 66.70
N GLU H 58 24.68 4.54 67.48
CA GLU H 58 24.32 3.15 67.20
C GLU H 58 22.86 2.83 67.51
N LYS H 59 22.37 3.39 68.62
CA LYS H 59 20.96 3.25 68.98
C LYS H 59 20.03 3.82 67.90
N ALA H 60 20.38 5.01 67.40
CA ALA H 60 19.59 5.68 66.37
C ALA H 60 19.52 4.84 65.09
N LEU H 61 20.63 4.18 64.75
CA LEU H 61 20.69 3.29 63.60
C LEU H 61 19.79 2.07 63.77
N ALA H 62 19.71 1.56 65.00
CA ALA H 62 18.90 0.38 65.30
C ALA H 62 17.41 0.62 65.10
N LYS H 63 17.00 1.89 65.24
CA LYS H 63 15.60 2.26 65.13
C LYS H 63 15.15 2.49 63.69
N CYS H 64 16.10 2.71 62.77
CA CYS H 64 15.75 3.18 61.43
C CYS H 64 16.17 2.22 60.31
N GLU H 65 15.75 2.53 59.09
CA GLU H 65 16.04 1.72 57.91
C GLU H 65 16.91 2.48 56.91
N LYS H 66 16.90 3.81 56.98
CA LYS H 66 17.61 4.66 56.03
C LYS H 66 18.52 5.66 56.74
N TYR H 67 19.65 5.99 56.09
CA TYR H 67 20.66 6.86 56.67
C TYR H 67 20.96 8.03 55.75
N MET H 68 20.98 9.24 56.29
CA MET H 68 21.39 10.41 55.53
C MET H 68 22.44 11.24 56.24
N LEU H 69 23.51 11.58 55.51
CA LEU H 69 24.58 12.47 55.98
C LEU H 69 24.66 13.72 55.08
N THR H 70 24.57 14.88 55.72
CA THR H 70 24.65 16.16 55.03
C THR H 70 26.05 16.76 55.17
N HIS H 71 26.72 16.91 54.04
CA HIS H 71 28.10 17.35 53.99
C HIS H 71 28.20 18.62 53.15
N GLN H 72 29.08 19.53 53.56
CA GLN H 72 29.24 20.80 52.85
C GLN H 72 30.70 21.21 52.70
N GLU H 73 31.06 21.64 51.50
CA GLU H 73 32.37 22.22 51.25
C GLU H 73 32.22 23.51 50.46
N LEU H 74 33.30 24.28 50.40
CA LEU H 74 33.35 25.47 49.56
C LEU H 74 33.88 25.08 48.18
N ALA H 75 33.10 25.36 47.16
CA ALA H 75 33.48 25.00 45.79
C ALA H 75 34.40 26.05 45.15
N SER H 76 34.92 25.71 43.97
CA SER H 76 35.94 26.52 43.26
C SER H 76 35.53 27.97 42.98
N ASP H 77 34.24 28.19 42.73
CA ASP H 77 33.72 29.54 42.51
C ASP H 77 33.38 30.27 43.83
N GLY H 78 33.74 29.64 44.95
CA GLY H 78 33.47 30.20 46.27
C GLY H 78 32.03 30.01 46.68
N GLU H 79 31.36 29.05 46.07
CA GLU H 79 29.97 28.75 46.37
C GLU H 79 29.93 27.50 47.24
N ILE H 80 29.03 27.51 48.22
CA ILE H 80 28.82 26.34 49.06
C ILE H 80 28.25 25.21 48.21
N GLU H 81 28.79 24.01 48.42
CA GLU H 81 28.26 22.84 47.76
C GLU H 81 27.72 21.90 48.84
N THR H 82 26.44 21.55 48.71
CA THR H 82 25.80 20.66 49.67
C THR H 82 25.61 19.28 49.05
N LYS H 83 26.03 18.25 49.78
CA LYS H 83 25.87 16.87 49.37
C LYS H 83 25.06 16.10 50.40
N LEU H 84 24.07 15.35 49.93
CA LEU H 84 23.29 14.48 50.82
C LEU H 84 23.65 13.03 50.52
N ILE H 85 24.39 12.42 51.43
CA ILE H 85 24.85 11.04 51.26
C ILE H 85 23.85 10.11 51.94
N LYS H 86 23.21 9.27 51.13
CA LYS H 86 22.08 8.46 51.58
C LYS H 86 22.39 6.99 51.43
N GLY H 87 21.87 6.17 52.35
CA GLY H 87 22.06 4.73 52.29
C GLY H 87 21.06 3.92 53.09
N ASP H 88 21.16 2.59 52.98
CA ASP H 88 20.34 1.66 53.75
C ASP H 88 21.10 1.15 54.97
N ILE H 89 20.39 1.01 56.09
CA ILE H 89 20.98 0.42 57.30
C ILE H 89 20.59 -1.05 57.40
N TYR H 90 21.60 -1.91 57.60
CA TYR H 90 21.37 -3.34 57.82
C TYR H 90 21.85 -3.72 59.21
N LYS H 91 21.17 -4.69 59.81
CA LYS H 91 21.56 -5.28 61.09
C LYS H 91 22.40 -6.51 60.82
N THR H 92 23.42 -6.73 61.66
CA THR H 92 24.38 -7.82 61.43
C THR H 92 24.20 -8.99 62.39
N ARG H 93 24.77 -10.14 62.01
CA ARG H 93 24.75 -11.34 62.83
C ARG H 93 25.36 -11.11 64.20
N GLY H 94 26.29 -10.16 64.28
CA GLY H 94 26.95 -9.80 65.53
C GLY H 94 26.13 -8.86 66.38
N GLY H 95 24.99 -8.42 65.83
CA GLY H 95 24.13 -7.45 66.51
C GLY H 95 24.69 -6.05 66.43
N GLY H 96 25.39 -5.76 65.34
CA GLY H 96 25.88 -4.42 65.05
C GLY H 96 25.12 -3.81 63.88
N GLN H 97 25.63 -2.72 63.34
CA GLN H 97 24.96 -2.04 62.22
C GLN H 97 25.89 -1.84 61.03
N SER H 98 25.33 -1.99 59.83
CA SER H 98 26.03 -1.67 58.59
C SER H 98 25.24 -0.70 57.73
N VAL H 99 25.91 0.32 57.21
CA VAL H 99 25.28 1.32 56.36
C VAL H 99 25.93 1.31 54.99
N GLN H 100 25.15 0.98 53.96
CA GLN H 100 25.63 1.00 52.59
C GLN H 100 25.09 2.19 51.81
N PHE H 101 25.98 3.11 51.44
CA PHE H 101 25.60 4.32 50.71
C PHE H 101 25.03 3.95 49.35
N THR H 102 23.80 4.39 49.07
CA THR H 102 23.11 4.05 47.82
C THR H 102 23.27 5.11 46.72
N ASP H 103 23.13 6.39 47.08
CA ASP H 103 23.41 7.47 46.14
C ASP H 103 23.63 8.82 46.82
N ILE H 104 24.07 9.80 46.02
CA ILE H 104 24.49 11.09 46.53
C ILE H 104 23.82 12.24 45.76
N GLU H 105 23.02 13.02 46.47
CA GLU H 105 22.42 14.23 45.91
C GLU H 105 23.38 15.39 46.12
N THR H 106 23.69 16.12 45.05
CA THR H 106 24.56 17.29 45.14
C THR H 106 23.78 18.55 44.76
N LEU H 107 23.85 19.57 45.61
CA LEU H 107 23.19 20.85 45.34
C LEU H 107 24.18 22.00 45.26
N LYS H 108 24.33 22.56 44.06
CA LYS H 108 25.22 23.69 43.86
C LYS H 108 24.51 24.90 43.27
N GLN H 109 25.00 26.08 43.62
CA GLN H 109 24.55 27.33 43.06
C GLN H 109 25.66 27.92 42.18
N GLU H 110 25.26 28.80 41.27
CA GLU H 110 26.19 29.58 40.48
C GLU H 110 25.43 30.76 39.92
N SER H 111 26.13 31.87 39.68
CA SER H 111 25.57 32.97 38.91
C SER H 111 25.59 32.57 37.42
N PRO H 112 24.62 33.07 36.65
CA PRO H 112 24.55 32.76 35.23
C PRO H 112 25.60 33.51 34.42
N ASN H 113 26.87 33.17 34.62
CA ASN H 113 27.97 33.81 33.91
C ASN H 113 29.32 33.36 34.42
PG GTP I . -10.59 -2.89 -22.73
O1G GTP I . -10.16 -2.09 -23.93
O2G GTP I . -12.10 -2.85 -22.59
O3G GTP I . -10.15 -4.32 -22.85
O3B GTP I . -9.99 -2.30 -21.36
PB GTP I . -8.58 -1.56 -21.15
O1B GTP I . -7.90 -1.13 -22.43
O2B GTP I . -7.70 -2.48 -20.35
O3A GTP I . -9.02 -0.29 -20.27
PA GTP I . -8.56 1.21 -20.60
O1A GTP I . -9.30 1.70 -21.83
O2A GTP I . -7.07 1.33 -20.76
O5' GTP I . -9.10 2.02 -19.32
C5' GTP I . -10.46 2.00 -18.94
C4' GTP I . -10.76 3.22 -18.06
O4' GTP I . -9.96 3.17 -16.90
C3' GTP I . -10.43 4.52 -18.76
O3' GTP I . -11.32 5.50 -18.28
C2' GTP I . -9.04 4.85 -18.24
O2' GTP I . -8.78 6.23 -18.32
C1' GTP I . -9.14 4.32 -16.82
N9 GTP I . -7.85 4.02 -16.18
C8 GTP I . -6.76 3.32 -16.68
N7 GTP I . -5.80 3.29 -15.73
C5 GTP I . -6.23 3.96 -14.63
C6 GTP I . -5.67 4.23 -13.39
O6 GTP I . -4.53 3.83 -13.13
N1 GTP I . -6.39 4.95 -12.45
C2 GTP I . -7.67 5.40 -12.75
N2 GTP I . -8.37 6.08 -11.86
N3 GTP I . -8.23 5.12 -13.98
C4 GTP I . -7.52 4.42 -14.91
MG MG J . -8.21 -0.90 -24.43
PG GTP K . -44.32 -36.00 -45.61
O1G GTP K . -43.38 -36.92 -46.33
O2G GTP K . -43.81 -35.68 -44.23
O3G GTP K . -44.46 -34.71 -46.37
O3B GTP K . -45.74 -36.74 -45.49
PB GTP K . -46.55 -37.21 -46.78
O1B GTP K . -45.57 -37.72 -47.80
O2B GTP K . -47.42 -36.12 -47.33
O3A GTP K . -47.51 -38.38 -46.24
PA GTP K . -47.29 -39.94 -46.58
O1A GTP K . -45.94 -40.44 -46.13
O2A GTP K . -47.57 -40.20 -48.02
O5' GTP K . -48.41 -40.63 -45.65
C5' GTP K . -48.34 -40.61 -44.25
C4' GTP K . -49.10 -41.83 -43.78
O4' GTP K . -50.43 -41.74 -44.25
C3' GTP K . -48.55 -43.12 -44.36
O3' GTP K . -48.58 -44.08 -43.34
C2' GTP K . -49.54 -43.49 -45.45
O2' GTP K . -49.57 -44.87 -45.68
C1' GTP K . -50.82 -42.96 -44.85
N9 GTP K . -51.85 -42.63 -45.84
C8 GTP K . -51.70 -41.86 -46.95
N7 GTP K . -52.90 -41.77 -47.57
C5 GTP K . -53.81 -42.45 -46.85
C6 GTP K . -55.17 -42.67 -47.02
O6 GTP K . -55.75 -42.20 -47.99
N1 GTP K . -55.85 -43.42 -46.08
C2 GTP K . -55.19 -43.96 -45.01
N2 GTP K . -55.87 -44.68 -44.12
N3 GTP K . -53.85 -43.73 -44.84
C4 GTP K . -53.17 -42.99 -45.75
MG MG L . -43.48 -37.41 -48.21
PG GTP M . 21.56 39.24 23.45
O1G GTP M . 20.70 39.99 24.44
O2G GTP M . 22.85 38.81 24.12
O3G GTP M . 20.83 38.08 22.85
O3B GTP M . 21.90 40.26 22.27
PB GTP M . 20.72 40.91 21.38
O1B GTP M . 19.61 41.41 22.27
O2B GTP M . 20.19 39.92 20.36
O3A GTP M . 21.52 42.10 20.63
PA GTP M . 21.43 43.63 21.08
O1A GTP M . 21.68 43.82 22.55
O2A GTP M . 20.10 44.22 20.65
O5' GTP M . 22.63 44.31 20.23
C5' GTP M . 23.99 44.27 20.59
C4' GTP M . 24.70 45.46 19.94
O4' GTP M . 24.49 45.49 18.54
C3' GTP M . 24.18 46.79 20.48
O3' GTP M . 25.27 47.66 20.70
C2' GTP M . 23.31 47.29 19.36
O2' GTP M . 23.14 48.69 19.31
C1' GTP M . 24.04 46.77 18.15
N9 GTP M . 23.14 46.72 17.01
C8 GTP M . 21.91 46.12 16.98
N7 GTP M . 21.36 46.29 15.75
C5 GTP M . 22.25 46.99 15.01
C6 GTP M . 22.19 47.43 13.69
O6 GTP M . 21.20 47.17 13.01
N1 GTP M . 23.26 48.15 13.17
C2 GTP M . 24.37 48.41 13.96
N2 GTP M . 25.39 49.10 13.48
N3 GTP M . 24.39 47.97 15.27
C4 GTP M . 23.36 47.27 15.78
MG MG N . 18.96 40.77 24.10
C1 GOL O . 10.13 21.20 26.95
O1 GOL O . 10.38 20.94 25.58
C2 GOL O . 8.75 21.85 27.10
O2 GOL O . 8.89 23.20 27.51
C3 GOL O . 8.01 21.04 28.17
O3 GOL O . 6.66 20.74 27.85
PG GTP P . 37.84 -0.35 52.57
O1G GTP P . 36.51 -0.82 53.11
O2G GTP P . 37.66 0.02 51.11
O3G GTP P . 38.31 0.85 53.36
O3B GTP P . 38.93 -1.54 52.66
PB GTP P . 39.21 -2.37 54.01
O1B GTP P . 37.89 -2.79 54.64
O2B GTP P . 40.02 -1.55 54.98
O3A GTP P . 40.01 -3.67 53.52
PA GTP P . 39.31 -5.13 53.60
O1A GTP P . 38.10 -5.15 52.69
O2A GTP P . 38.93 -5.46 55.02
O5' GTP P . 40.43 -6.12 53.00
C5' GTP P . 40.98 -5.86 51.72
C4' GTP P . 41.59 -7.13 51.12
O4' GTP P . 42.78 -7.44 51.82
C3' GTP P . 40.68 -8.35 51.23
O3' GTP P . 40.83 -9.09 50.05
C2' GTP P . 41.25 -9.13 52.41
O2' GTP P . 41.05 -10.51 52.23
C1' GTP P . 42.72 -8.73 52.40
N9 GTP P . 43.39 -8.67 53.71
C8 GTP P . 43.02 -7.97 54.83
N7 GTP P . 43.96 -8.17 55.79
C5 GTP P . 44.93 -8.97 55.31
C6 GTP P . 46.10 -9.50 55.86
O6 GTP P . 46.43 -9.24 57.02
N1 GTP P . 46.91 -10.31 55.09
C2 GTP P . 46.55 -10.61 53.79
N2 GTP P . 47.34 -11.39 53.05
N3 GTP P . 45.39 -10.09 53.25
C4 GTP P . 44.59 -9.29 54.00
MG MG Q . 35.93 -1.71 54.63
#